data_5AYS
#
_entry.id   5AYS
#
_cell.length_a   53.298
_cell.length_b   63.010
_cell.length_c   65.512
_cell.angle_alpha   65.10
_cell.angle_beta   89.58
_cell.angle_gamma   88.38
#
_symmetry.space_group_name_H-M   'P 1'
#
loop_
_entity.id
_entity.type
_entity.pdbx_description
1 polymer 'Uracil-DNA glycosylase'
2 polymer 'Uncharacterized protein'
3 water water
#
loop_
_entity_poly.entity_id
_entity_poly.type
_entity_poly.pdbx_seq_one_letter_code
_entity_poly.pdbx_strand_id
1 'polypeptide(L)'
;MDLTNGGVSPAATSAPLDWTTFRRVFLIDDAWRPLMEPELANPLTAHLLAEYNRRCQTEEVLPPREDVFSWTRYCTPDEV
RVVIIGQDPYHHPGQAHGLAFSVRANVPPPPSLRNVLAAVKNCYPEARMSGHGCLEKWARDGVLLLNTTLTVKRGAAASH
SRIGWDRFVGGVIRRLAARRPGLVFMLWGTHAQNAIRPDPRVHCVLKFSHPSPLSKVPFGTCQHFLVANRYLETRSISPI
DWSVLEELLEHHHHHH
;
A,B
2 'polypeptide(L)'
;MTLELQLKHYITNLFNLPKDEKWECESIEEIADDILPDQYVRLGALSNKILQTYTYYSDTLHESNIYPFILYYQKQLIAI
GYIDENHDMDFLYLHNTIMPLLDQRYLLTGGQ
;
C,D
#
# COMPACT_ATOMS: atom_id res chain seq x y z
N LEU A 17 -29.26 0.19 -0.56
CA LEU A 17 -29.32 -0.81 0.54
C LEU A 17 -30.41 -0.48 1.57
N ASP A 18 -30.99 -1.52 2.14
CA ASP A 18 -32.19 -1.38 2.96
C ASP A 18 -31.94 -1.91 4.38
N TRP A 19 -32.17 -1.09 5.39
CA TRP A 19 -31.85 -1.49 6.75
C TRP A 19 -32.59 -2.77 7.14
N THR A 20 -33.87 -2.83 6.82
CA THR A 20 -34.69 -3.99 7.17
C THR A 20 -34.11 -5.26 6.57
N THR A 21 -33.75 -5.21 5.29
CA THR A 21 -33.13 -6.36 4.65
C THR A 21 -31.77 -6.68 5.28
N PHE A 22 -30.94 -5.66 5.46
CA PHE A 22 -29.62 -5.82 6.03
C PHE A 22 -29.72 -6.44 7.42
N ARG A 23 -30.65 -5.95 8.24
CA ARG A 23 -30.79 -6.39 9.62
C ARG A 23 -31.22 -7.84 9.69
N ARG A 24 -32.18 -8.19 8.84
CA ARG A 24 -32.64 -9.58 8.79
C ARG A 24 -31.51 -10.53 8.42
N VAL A 25 -30.79 -10.23 7.34
CA VAL A 25 -29.70 -11.06 6.85
C VAL A 25 -28.69 -11.42 7.94
N PHE A 26 -28.35 -10.46 8.79
CA PHE A 26 -27.28 -10.61 9.78
C PHE A 26 -27.85 -10.73 11.19
N LEU A 27 -29.18 -10.72 11.31
CA LEU A 27 -29.81 -10.85 12.62
C LEU A 27 -29.20 -9.81 13.55
N ILE A 28 -29.14 -8.59 13.05
CA ILE A 28 -28.60 -7.48 13.81
C ILE A 28 -29.69 -6.97 14.73
N ASP A 29 -29.35 -6.85 16.00
CA ASP A 29 -30.17 -6.14 16.97
C ASP A 29 -30.43 -4.67 16.63
N ASP A 30 -31.69 -4.27 16.70
CA ASP A 30 -32.10 -2.99 16.14
C ASP A 30 -31.53 -1.81 16.93
N ALA A 31 -31.08 -2.05 18.16
CA ALA A 31 -30.55 -0.95 18.98
C ALA A 31 -29.28 -0.31 18.38
N TRP A 32 -28.67 -0.98 17.39
CA TRP A 32 -27.45 -0.47 16.76
C TRP A 32 -27.79 0.21 15.43
N ARG A 33 -29.08 0.24 15.11
CA ARG A 33 -29.51 0.95 13.92
C ARG A 33 -28.87 2.35 13.73
N PRO A 34 -28.89 3.19 14.77
CA PRO A 34 -28.48 4.57 14.45
C PRO A 34 -26.98 4.71 14.19
N LEU A 35 -26.15 3.78 14.68
CA LEU A 35 -24.71 3.80 14.41
C LEU A 35 -24.30 3.12 13.11
N MET A 36 -25.15 2.20 12.66
CA MET A 36 -24.81 1.34 11.53
C MET A 36 -25.53 1.72 10.24
N GLU A 37 -26.82 1.99 10.34
CA GLU A 37 -27.59 2.44 9.18
C GLU A 37 -26.91 3.51 8.30
N PRO A 38 -26.32 4.54 8.91
CA PRO A 38 -25.70 5.51 8.02
C PRO A 38 -24.71 4.86 7.04
N GLU A 39 -23.99 3.82 7.46
CA GLU A 39 -23.13 3.07 6.55
C GLU A 39 -23.77 2.69 5.21
N LEU A 40 -25.06 2.29 5.24
CA LEU A 40 -25.67 1.73 4.04
C LEU A 40 -25.82 2.73 2.89
N ALA A 41 -25.74 4.02 3.21
CA ALA A 41 -25.75 5.07 2.19
C ALA A 41 -24.44 5.13 1.40
N ASN A 42 -23.36 4.57 1.95
CA ASN A 42 -22.02 4.66 1.32
C ASN A 42 -21.84 3.57 0.26
N PRO A 43 -21.59 3.93 -1.01
CA PRO A 43 -21.28 2.97 -2.07
C PRO A 43 -20.24 1.89 -1.72
N LEU A 44 -19.22 2.23 -0.92
CA LEU A 44 -18.25 1.26 -0.41
C LEU A 44 -18.91 0.23 0.52
N THR A 45 -19.95 0.63 1.23
CA THR A 45 -20.64 -0.40 1.98
C THR A 45 -21.32 -1.38 1.06
N ALA A 46 -21.94 -0.88 0.00
CA ALA A 46 -22.53 -1.76 -1.02
C ALA A 46 -21.50 -2.65 -1.69
N HIS A 47 -20.31 -2.13 -2.00
CA HIS A 47 -19.27 -3.05 -2.51
C HIS A 47 -18.80 -4.05 -1.45
N LEU A 48 -18.58 -3.58 -0.23
CA LEU A 48 -18.13 -4.51 0.78
C LEU A 48 -19.07 -5.73 0.86
N LEU A 49 -20.38 -5.46 0.98
CA LEU A 49 -21.38 -6.50 1.25
C LEU A 49 -21.53 -7.47 0.08
N ALA A 50 -21.52 -6.90 -1.13
CA ALA A 50 -21.40 -7.65 -2.38
C ALA A 50 -20.15 -8.49 -2.49
N GLU A 51 -19.02 -7.93 -2.06
CA GLU A 51 -17.81 -8.73 -2.09
C GLU A 51 -17.86 -9.80 -0.99
N TYR A 52 -18.33 -9.42 0.19
CA TYR A 52 -18.53 -10.42 1.24
C TYR A 52 -19.47 -11.50 0.68
N ASN A 53 -20.56 -11.09 0.06
CA ASN A 53 -21.51 -12.15 -0.30
C ASN A 53 -20.90 -13.03 -1.40
N ARG A 54 -20.01 -12.47 -2.21
CA ARG A 54 -19.37 -13.24 -3.26
C ARG A 54 -18.38 -14.26 -2.68
N ARG A 55 -17.57 -13.84 -1.73
CA ARG A 55 -16.76 -14.80 -0.97
C ARG A 55 -17.66 -15.92 -0.45
N CYS A 56 -18.78 -15.54 0.15
CA CYS A 56 -19.67 -16.54 0.76
C CYS A 56 -20.17 -17.60 -0.22
N GLN A 57 -20.20 -17.27 -1.50
CA GLN A 57 -20.66 -18.18 -2.53
C GLN A 57 -19.51 -18.98 -3.14
N THR A 58 -18.30 -18.49 -3.00
CA THR A 58 -17.18 -19.08 -3.70
C THR A 58 -16.29 -19.85 -2.74
N GLU A 59 -16.51 -19.66 -1.43
CA GLU A 59 -15.59 -20.25 -0.46
C GLU A 59 -16.29 -20.40 0.89
N GLU A 60 -15.72 -21.21 1.77
CA GLU A 60 -16.19 -21.27 3.14
C GLU A 60 -15.77 -20.07 3.99
N VAL A 61 -16.77 -19.32 4.46
CA VAL A 61 -16.56 -18.01 5.07
C VAL A 61 -16.93 -18.11 6.56
N LEU A 62 -16.07 -17.53 7.41
CA LEU A 62 -16.24 -17.64 8.86
C LEU A 62 -16.18 -16.22 9.41
N PRO A 63 -16.82 -15.98 10.57
CA PRO A 63 -17.68 -16.94 11.26
C PRO A 63 -19.04 -17.06 10.60
N PRO A 64 -19.88 -18.01 11.04
CA PRO A 64 -21.17 -18.16 10.35
C PRO A 64 -21.94 -16.84 10.21
N ARG A 65 -22.67 -16.69 9.11
CA ARG A 65 -23.27 -15.41 8.74
C ARG A 65 -23.99 -14.74 9.91
N GLU A 66 -24.88 -15.49 10.59
CA GLU A 66 -25.56 -15.00 11.79
C GLU A 66 -24.69 -14.52 12.96
N ASP A 67 -23.42 -14.92 12.97
CA ASP A 67 -22.48 -14.53 14.01
C ASP A 67 -21.63 -13.28 13.67
N VAL A 68 -21.47 -12.98 12.39
CA VAL A 68 -20.63 -11.85 11.97
C VAL A 68 -20.96 -10.64 12.85
N PHE A 69 -22.23 -10.49 13.20
CA PHE A 69 -22.68 -9.31 13.93
C PHE A 69 -23.23 -9.64 15.30
N SER A 70 -22.75 -10.73 15.89
CA SER A 70 -23.15 -11.15 17.23
C SER A 70 -22.89 -10.08 18.27
N TRP A 71 -21.80 -9.35 18.13
CA TRP A 71 -21.55 -8.24 19.03
C TRP A 71 -22.69 -7.22 19.12
N THR A 72 -23.55 -7.13 18.10
CA THR A 72 -24.65 -6.19 18.22
C THR A 72 -25.68 -6.68 19.21
N ARG A 73 -25.83 -7.99 19.32
CA ARG A 73 -26.90 -8.61 20.09
C ARG A 73 -26.60 -8.71 21.59
N TYR A 74 -25.33 -8.81 21.98
CA TYR A 74 -24.98 -8.93 23.41
C TYR A 74 -25.24 -7.67 24.25
N CYS A 75 -24.89 -6.52 23.72
CA CYS A 75 -25.32 -5.30 24.40
C CYS A 75 -25.73 -4.24 23.40
N THR A 76 -26.40 -3.19 23.87
CA THR A 76 -26.78 -2.02 23.08
C THR A 76 -25.69 -0.95 23.06
N PRO A 77 -25.74 -0.05 22.07
CA PRO A 77 -24.73 1.02 22.05
C PRO A 77 -24.56 1.67 23.42
N ASP A 78 -25.67 1.98 24.09
CA ASP A 78 -25.62 2.66 25.38
C ASP A 78 -24.99 1.85 26.51
N GLU A 79 -25.07 0.54 26.41
CA GLU A 79 -24.48 -0.34 27.40
C GLU A 79 -22.95 -0.41 27.33
N VAL A 80 -22.38 0.04 26.21
CA VAL A 80 -20.98 -0.26 25.93
C VAL A 80 -20.19 0.60 26.90
N ARG A 81 -19.30 -0.02 27.67
CA ARG A 81 -18.41 0.72 28.54
C ARG A 81 -16.95 0.67 28.05
N VAL A 82 -16.53 -0.51 27.59
CA VAL A 82 -15.15 -0.70 27.15
C VAL A 82 -15.14 -1.24 25.74
N VAL A 83 -14.18 -0.75 24.96
CA VAL A 83 -13.97 -1.17 23.57
C VAL A 83 -12.62 -1.83 23.42
N ILE A 84 -12.62 -3.12 23.09
CA ILE A 84 -11.38 -3.89 22.90
C ILE A 84 -11.28 -4.28 21.41
N ILE A 85 -10.24 -3.84 20.75
CA ILE A 85 -10.12 -3.97 19.29
C ILE A 85 -9.39 -5.26 18.88
N GLY A 86 -10.01 -6.04 18.01
CA GLY A 86 -9.30 -7.18 17.41
C GLY A 86 -8.97 -6.89 15.96
N GLN A 87 -8.18 -7.75 15.33
CA GLN A 87 -7.88 -7.60 13.91
C GLN A 87 -8.87 -8.45 13.12
N ASP A 88 -8.66 -9.75 13.04
CA ASP A 88 -9.75 -10.53 12.43
C ASP A 88 -10.03 -11.86 13.12
N PRO A 89 -11.07 -12.59 12.66
CA PRO A 89 -11.67 -13.68 13.41
C PRO A 89 -10.85 -14.96 13.21
N TYR A 90 -10.76 -15.78 14.24
CA TYR A 90 -10.27 -17.14 14.08
C TYR A 90 -10.78 -17.80 12.79
N HIS A 91 -9.88 -18.45 12.07
CA HIS A 91 -10.22 -18.99 10.76
C HIS A 91 -10.42 -20.51 10.75
N HIS A 92 -10.43 -21.16 11.92
CA HIS A 92 -10.73 -22.60 11.98
C HIS A 92 -12.16 -22.82 12.43
N PRO A 93 -12.86 -23.81 11.85
CA PRO A 93 -14.24 -23.96 12.25
C PRO A 93 -14.33 -24.09 13.75
N GLY A 94 -15.45 -23.68 14.33
CA GLY A 94 -15.71 -23.87 15.75
C GLY A 94 -15.26 -22.71 16.62
N GLN A 95 -14.33 -21.90 16.12
CA GLN A 95 -13.59 -20.98 17.01
C GLN A 95 -14.28 -19.63 17.15
N ALA A 96 -14.37 -18.90 16.03
CA ALA A 96 -14.98 -17.58 16.02
C ALA A 96 -16.49 -17.66 16.20
N HIS A 97 -17.04 -16.69 16.95
CA HIS A 97 -18.48 -16.52 17.02
C HIS A 97 -18.87 -15.04 16.98
N GLY A 98 -18.00 -14.20 16.43
CA GLY A 98 -18.37 -12.83 16.12
C GLY A 98 -17.85 -11.79 17.10
N LEU A 99 -17.18 -12.25 18.16
CA LEU A 99 -16.44 -11.35 19.08
C LEU A 99 -14.94 -11.39 18.80
N ALA A 100 -14.25 -10.26 18.99
CA ALA A 100 -12.79 -10.28 19.09
C ALA A 100 -12.29 -11.18 20.21
N PHE A 101 -11.20 -11.89 19.94
CA PHE A 101 -10.58 -12.78 20.91
C PHE A 101 -11.35 -14.03 21.39
N SER A 102 -12.63 -13.88 21.67
CA SER A 102 -13.44 -14.89 22.33
C SER A 102 -13.49 -16.10 21.41
N VAL A 103 -13.49 -17.28 21.99
CA VAL A 103 -13.90 -18.49 21.27
C VAL A 103 -15.18 -19.10 21.82
N ARG A 104 -15.76 -20.02 21.04
CA ARG A 104 -16.93 -20.77 21.49
C ARG A 104 -16.57 -21.60 22.72
N ALA A 105 -17.61 -22.10 23.40
CA ALA A 105 -17.52 -22.51 24.80
C ALA A 105 -16.59 -23.68 25.07
N ASN A 106 -16.56 -24.66 24.18
CA ASN A 106 -15.73 -25.82 24.44
C ASN A 106 -14.47 -25.83 23.58
N VAL A 107 -13.93 -24.64 23.34
CA VAL A 107 -12.66 -24.50 22.63
C VAL A 107 -11.56 -24.07 23.60
N PRO A 108 -10.45 -24.81 23.63
CA PRO A 108 -9.41 -24.38 24.55
C PRO A 108 -8.83 -23.05 24.05
N PRO A 109 -8.74 -22.03 24.92
CA PRO A 109 -8.20 -20.73 24.53
C PRO A 109 -6.85 -20.88 23.84
N PRO A 110 -6.71 -20.31 22.63
CA PRO A 110 -5.42 -20.25 21.93
C PRO A 110 -4.45 -19.26 22.60
N PRO A 111 -3.17 -19.20 22.15
CA PRO A 111 -2.16 -18.49 22.95
C PRO A 111 -2.52 -17.04 23.30
N SER A 112 -3.10 -16.32 22.36
CA SER A 112 -3.43 -14.91 22.59
C SER A 112 -4.48 -14.67 23.66
N LEU A 113 -5.58 -15.41 23.56
CA LEU A 113 -6.69 -15.31 24.48
C LEU A 113 -6.28 -15.80 25.87
N ARG A 114 -5.58 -16.93 25.89
CA ARG A 114 -5.07 -17.47 27.14
C ARG A 114 -4.21 -16.45 27.89
N ASN A 115 -3.41 -15.69 27.15
CA ASN A 115 -2.71 -14.56 27.75
C ASN A 115 -3.63 -13.39 28.14
N VAL A 116 -4.69 -13.12 27.37
CA VAL A 116 -5.61 -12.10 27.83
C VAL A 116 -6.16 -12.43 29.22
N LEU A 117 -6.68 -13.65 29.33
CA LEU A 117 -7.25 -14.18 30.55
C LEU A 117 -6.25 -14.27 31.71
N ALA A 118 -4.99 -14.59 31.43
CA ALA A 118 -3.95 -14.54 32.45
C ALA A 118 -3.76 -13.13 33.01
N ALA A 119 -3.86 -12.14 32.14
CA ALA A 119 -3.69 -10.76 32.61
C ALA A 119 -4.89 -10.43 33.50
N VAL A 120 -6.06 -10.93 33.11
CA VAL A 120 -7.27 -10.65 33.86
C VAL A 120 -7.07 -11.15 35.27
N LYS A 121 -6.60 -12.40 35.34
CA LYS A 121 -6.41 -13.08 36.62
C LYS A 121 -5.29 -12.43 37.44
N ASN A 122 -4.27 -11.95 36.74
CA ASN A 122 -3.25 -11.17 37.42
C ASN A 122 -3.83 -9.88 38.00
N CYS A 123 -4.64 -9.20 37.21
CA CYS A 123 -5.22 -7.93 37.64
C CYS A 123 -6.20 -8.25 38.76
N TYR A 124 -6.94 -9.34 38.62
CA TYR A 124 -7.93 -9.75 39.62
C TYR A 124 -7.79 -11.20 40.10
N PRO A 125 -6.98 -11.42 41.15
CA PRO A 125 -6.72 -12.77 41.64
C PRO A 125 -8.02 -13.46 41.98
N GLU A 126 -9.03 -12.67 42.37
CA GLU A 126 -10.32 -13.23 42.74
C GLU A 126 -11.22 -13.63 41.56
N ALA A 127 -10.83 -13.26 40.34
CA ALA A 127 -11.75 -13.41 39.22
C ALA A 127 -12.09 -14.87 38.95
N ARG A 128 -13.37 -15.15 38.73
CA ARG A 128 -13.81 -16.48 38.40
C ARG A 128 -13.52 -16.80 36.95
N MET A 129 -12.55 -17.70 36.74
CA MET A 129 -12.23 -18.21 35.40
C MET A 129 -12.46 -19.71 35.30
N SER A 130 -13.18 -20.11 34.25
CA SER A 130 -13.55 -21.51 34.07
C SER A 130 -12.43 -22.34 33.44
N GLY A 131 -11.34 -21.67 33.08
CA GLY A 131 -10.41 -22.20 32.09
C GLY A 131 -10.99 -22.25 30.68
N HIS A 132 -12.16 -21.66 30.49
CA HIS A 132 -12.71 -21.49 29.15
C HIS A 132 -12.60 -20.07 28.63
N GLY A 133 -12.88 -19.92 27.33
CA GLY A 133 -12.42 -18.78 26.58
C GLY A 133 -13.56 -17.99 26.03
N CYS A 134 -14.80 -18.41 26.30
CA CYS A 134 -15.91 -17.72 25.67
C CYS A 134 -16.23 -16.44 26.47
N LEU A 135 -16.30 -15.29 25.81
CA LEU A 135 -16.36 -14.01 26.52
C LEU A 135 -17.74 -13.33 26.53
N GLU A 136 -18.78 -14.13 26.41
CA GLU A 136 -20.13 -13.61 26.20
C GLU A 136 -20.55 -12.76 27.40
N LYS A 137 -20.20 -13.21 28.60
CA LYS A 137 -20.54 -12.50 29.82
C LYS A 137 -19.98 -11.08 29.80
N TRP A 138 -18.77 -10.89 29.27
CA TRP A 138 -18.19 -9.54 29.18
C TRP A 138 -19.03 -8.74 28.18
N ALA A 139 -19.26 -9.35 27.03
CA ALA A 139 -20.05 -8.72 25.98
C ALA A 139 -21.38 -8.22 26.53
N ARG A 140 -22.06 -9.06 27.31
CA ARG A 140 -23.34 -8.63 27.87
C ARG A 140 -23.21 -7.45 28.84
N ASP A 141 -22.02 -7.30 29.41
CA ASP A 141 -21.75 -6.32 30.45
C ASP A 141 -21.14 -5.08 29.83
N GLY A 142 -21.09 -5.04 28.49
CA GLY A 142 -20.76 -3.82 27.75
C GLY A 142 -19.30 -3.74 27.31
N VAL A 143 -18.62 -4.89 27.34
CA VAL A 143 -17.26 -4.95 26.85
C VAL A 143 -17.35 -5.24 25.35
N LEU A 144 -17.29 -4.18 24.56
CA LEU A 144 -17.37 -4.38 23.13
C LEU A 144 -16.09 -4.97 22.54
N LEU A 145 -16.23 -6.22 22.11
CA LEU A 145 -15.12 -7.00 21.58
C LEU A 145 -15.17 -7.05 20.06
N LEU A 146 -14.46 -6.15 19.42
CA LEU A 146 -14.75 -5.84 18.03
C LEU A 146 -13.51 -5.95 17.16
N ASN A 147 -13.59 -6.86 16.20
CA ASN A 147 -12.52 -7.00 15.21
C ASN A 147 -12.72 -5.96 14.13
N THR A 148 -11.61 -5.47 13.58
CA THR A 148 -11.68 -4.53 12.49
C THR A 148 -11.92 -5.21 11.15
N THR A 149 -11.60 -6.50 11.05
CA THR A 149 -12.09 -7.32 9.95
C THR A 149 -13.14 -8.35 10.42
N LEU A 150 -14.32 -8.41 9.83
CA LEU A 150 -15.39 -9.17 10.49
C LEU A 150 -15.46 -10.61 9.98
N THR A 151 -14.80 -10.87 8.84
CA THR A 151 -14.91 -12.21 8.22
C THR A 151 -13.56 -12.77 7.82
N VAL A 152 -13.50 -14.06 7.52
CA VAL A 152 -12.25 -14.65 7.03
C VAL A 152 -12.66 -15.89 6.25
N LYS A 153 -11.86 -16.22 5.23
CA LYS A 153 -11.88 -17.51 4.60
C LYS A 153 -11.38 -18.58 5.55
N ARG A 154 -12.14 -19.67 5.67
CA ARG A 154 -11.75 -20.82 6.48
C ARG A 154 -10.35 -21.22 6.05
N GLY A 155 -9.46 -21.42 7.01
CA GLY A 155 -8.08 -21.82 6.70
C GLY A 155 -7.05 -20.75 6.45
N ALA A 156 -7.47 -19.54 6.07
CA ALA A 156 -6.50 -18.50 5.71
C ALA A 156 -6.68 -17.18 6.44
N ALA A 157 -5.83 -16.93 7.42
CA ALA A 157 -5.89 -15.71 8.22
C ALA A 157 -5.83 -14.45 7.36
N ALA A 158 -6.54 -13.41 7.75
CA ALA A 158 -6.36 -12.07 7.20
C ALA A 158 -6.71 -12.12 5.71
N SER A 159 -7.34 -13.22 5.31
CA SER A 159 -7.78 -13.36 3.92
C SER A 159 -8.86 -12.36 3.51
N HIS A 160 -9.65 -11.86 4.46
CA HIS A 160 -10.59 -10.78 4.13
C HIS A 160 -10.15 -9.37 4.57
N SER A 161 -8.88 -9.20 4.93
CA SER A 161 -8.49 -7.95 5.60
C SER A 161 -8.62 -6.72 4.71
N ARG A 162 -8.85 -6.94 3.43
CA ARG A 162 -8.77 -5.80 2.51
C ARG A 162 -10.04 -5.63 1.68
N ILE A 163 -11.09 -6.38 2.02
CA ILE A 163 -12.38 -6.20 1.38
C ILE A 163 -13.18 -4.98 1.85
N GLY A 164 -12.79 -4.36 2.95
CA GLY A 164 -13.41 -3.08 3.34
C GLY A 164 -14.21 -3.01 4.63
N TRP A 165 -14.21 -4.07 5.44
CA TRP A 165 -14.75 -4.03 6.82
C TRP A 165 -14.11 -2.93 7.69
N ASP A 166 -12.81 -2.72 7.54
CA ASP A 166 -12.15 -1.82 8.50
C ASP A 166 -12.77 -0.45 8.50
N ARG A 167 -13.03 0.07 7.29
CA ARG A 167 -13.75 1.30 7.08
C ARG A 167 -15.13 1.24 7.70
N PHE A 168 -15.84 0.14 7.44
CA PHE A 168 -17.23 0.08 7.87
C PHE A 168 -17.20 0.06 9.40
N VAL A 169 -16.36 -0.80 9.94
CA VAL A 169 -16.34 -1.00 11.38
C VAL A 169 -15.79 0.28 12.07
N GLY A 170 -14.76 0.87 11.48
CA GLY A 170 -14.25 2.15 11.99
C GLY A 170 -15.28 3.25 11.99
N GLY A 171 -16.17 3.27 11.00
CA GLY A 171 -17.31 4.19 11.07
C GLY A 171 -18.21 3.96 12.29
N VAL A 172 -18.58 2.71 12.52
CA VAL A 172 -19.50 2.40 13.58
C VAL A 172 -18.87 2.83 14.92
N ILE A 173 -17.57 2.60 15.08
CA ILE A 173 -16.86 2.88 16.33
C ILE A 173 -16.71 4.38 16.55
N ARG A 174 -16.59 5.10 15.43
CA ARG A 174 -16.48 6.53 15.42
C ARG A 174 -17.81 7.13 15.84
N ARG A 175 -18.91 6.53 15.37
CA ARG A 175 -20.20 7.05 15.74
C ARG A 175 -20.52 6.72 17.18
N LEU A 176 -20.01 5.59 17.62
CA LEU A 176 -20.22 5.16 19.00
C LEU A 176 -19.50 6.09 19.95
N ALA A 177 -18.27 6.42 19.60
CA ALA A 177 -17.43 7.20 20.49
C ALA A 177 -17.91 8.64 20.54
N ALA A 178 -18.41 9.11 19.41
CA ALA A 178 -19.05 10.44 19.32
C ALA A 178 -20.30 10.65 20.16
N ARG A 179 -21.11 9.62 20.37
CA ARG A 179 -22.34 9.77 21.14
C ARG A 179 -22.13 10.30 22.55
N ARG A 180 -21.22 9.69 23.32
CA ARG A 180 -20.77 10.29 24.58
C ARG A 180 -19.36 9.93 24.98
N PRO A 181 -18.71 10.85 25.70
CA PRO A 181 -17.34 10.64 26.11
C PRO A 181 -17.25 9.53 27.14
N GLY A 182 -16.04 9.07 27.38
CA GLY A 182 -15.78 8.35 28.60
C GLY A 182 -15.89 6.85 28.42
N LEU A 183 -15.83 6.41 27.16
CA LEU A 183 -15.44 5.03 26.84
C LEU A 183 -14.00 4.77 27.24
N VAL A 184 -13.78 3.51 27.62
CA VAL A 184 -12.42 2.96 27.63
C VAL A 184 -12.14 2.22 26.33
N PHE A 185 -10.99 2.56 25.77
CA PHE A 185 -10.46 1.77 24.66
C PHE A 185 -9.25 1.00 25.14
N MET A 186 -9.22 -0.29 24.82
CA MET A 186 -8.00 -1.05 25.07
C MET A 186 -7.44 -1.45 23.72
N LEU A 187 -6.29 -0.88 23.39
CA LEU A 187 -5.70 -1.03 22.05
C LEU A 187 -4.41 -1.84 22.11
N TRP A 188 -4.53 -3.15 21.86
CA TRP A 188 -3.41 -4.06 22.05
C TRP A 188 -2.78 -4.41 20.70
N GLY A 189 -1.54 -3.96 20.48
CA GLY A 189 -0.79 -4.31 19.29
C GLY A 189 -0.83 -3.16 18.30
N THR A 190 0.04 -3.23 17.29
CA THR A 190 0.24 -2.09 16.42
C THR A 190 -0.95 -1.82 15.52
N HIS A 191 -1.58 -2.89 15.05
CA HIS A 191 -2.71 -2.72 14.15
C HIS A 191 -3.80 -1.90 14.84
N ALA A 192 -4.15 -2.30 16.06
CA ALA A 192 -5.25 -1.67 16.77
C ALA A 192 -4.89 -0.22 17.09
N GLN A 193 -3.64 0.05 17.43
CA GLN A 193 -3.31 1.43 17.83
C GLN A 193 -3.28 2.38 16.66
N ASN A 194 -2.98 1.82 15.49
CA ASN A 194 -2.96 2.56 14.24
C ASN A 194 -4.36 2.77 13.68
N ALA A 195 -5.19 1.73 13.77
CA ALA A 195 -6.51 1.81 13.17
C ALA A 195 -7.44 2.78 13.93
N ILE A 196 -7.33 2.79 15.25
CA ILE A 196 -8.28 3.41 16.14
C ILE A 196 -7.49 4.38 17.02
N ARG A 197 -7.66 5.68 16.79
CA ARG A 197 -6.99 6.65 17.65
C ARG A 197 -7.98 7.62 18.32
N PRO A 198 -8.66 7.18 19.40
CA PRO A 198 -9.68 8.03 20.02
C PRO A 198 -9.07 9.23 20.71
N ASP A 199 -9.88 10.26 20.96
CA ASP A 199 -9.40 11.54 21.55
C ASP A 199 -9.17 11.30 23.03
N PRO A 200 -7.90 11.23 23.45
CA PRO A 200 -7.61 10.87 24.83
C PRO A 200 -8.09 11.89 25.86
N ARG A 201 -8.59 13.04 25.39
CA ARG A 201 -9.21 14.01 26.29
C ARG A 201 -10.68 13.63 26.51
N VAL A 202 -11.17 12.73 25.69
CA VAL A 202 -12.60 12.48 25.71
C VAL A 202 -12.87 11.08 26.19
N HIS A 203 -12.03 10.16 25.70
CA HIS A 203 -12.05 8.78 26.16
C HIS A 203 -10.76 8.39 26.85
N CYS A 204 -10.86 7.33 27.65
CA CYS A 204 -9.69 6.66 28.22
C CYS A 204 -9.09 5.68 27.21
N VAL A 205 -7.89 6.00 26.77
CA VAL A 205 -7.23 5.19 25.75
C VAL A 205 -6.11 4.38 26.37
N LEU A 206 -6.30 3.06 26.38
CA LEU A 206 -5.28 2.25 27.02
C LEU A 206 -4.50 1.49 25.97
N LYS A 207 -3.17 1.62 26.00
CA LYS A 207 -2.38 0.94 24.96
C LYS A 207 -1.45 -0.13 25.51
N PHE A 208 -1.27 -1.20 24.73
CA PHE A 208 -0.32 -2.24 25.07
C PHE A 208 0.12 -3.01 23.83
N SER A 209 1.12 -3.87 23.99
CA SER A 209 1.58 -4.68 22.90
C SER A 209 0.53 -5.79 22.78
N HIS A 210 0.59 -6.51 21.68
CA HIS A 210 -0.36 -7.57 21.37
C HIS A 210 -0.31 -8.69 22.41
N PRO A 211 -1.45 -9.36 22.62
CA PRO A 211 -1.42 -10.37 23.64
C PRO A 211 -0.73 -11.66 23.22
N SER A 212 -0.46 -11.86 21.92
CA SER A 212 0.24 -13.08 21.48
C SER A 212 1.50 -13.35 22.28
N PRO A 213 1.83 -14.61 22.50
CA PRO A 213 3.09 -14.83 23.23
C PRO A 213 4.32 -14.38 22.49
N LEU A 214 4.15 -14.12 21.19
CA LEU A 214 5.27 -13.72 20.36
C LEU A 214 5.71 -12.27 20.64
N SER A 215 4.86 -11.53 21.35
CA SER A 215 5.18 -10.17 21.74
C SER A 215 6.41 -10.04 22.65
N LYS A 216 7.22 -9.02 22.43
CA LYS A 216 8.39 -8.82 23.29
C LYS A 216 8.01 -8.59 24.74
N VAL A 217 6.97 -7.81 24.99
CA VAL A 217 6.45 -7.66 26.34
C VAL A 217 5.38 -8.71 26.63
N PRO A 218 5.56 -9.48 27.73
CA PRO A 218 4.52 -10.45 28.02
C PRO A 218 3.27 -9.67 28.35
N PHE A 219 2.14 -10.11 27.82
CA PHE A 219 0.87 -9.47 28.06
C PHE A 219 0.34 -9.78 29.45
N GLY A 220 0.94 -10.78 30.09
CA GLY A 220 0.45 -11.22 31.40
C GLY A 220 0.57 -10.06 32.35
N THR A 221 1.40 -9.08 32.00
CA THR A 221 1.69 -7.98 32.90
C THR A 221 0.79 -6.78 32.58
N CYS A 222 -0.06 -6.90 31.57
CA CYS A 222 -0.99 -5.83 31.23
C CYS A 222 -1.99 -5.55 32.37
N GLN A 223 -2.08 -4.29 32.76
CA GLN A 223 -2.97 -3.90 33.86
C GLN A 223 -4.23 -3.16 33.41
N HIS A 224 -4.49 -3.23 32.09
CA HIS A 224 -5.62 -2.49 31.55
C HIS A 224 -6.92 -2.72 32.28
N PHE A 225 -7.18 -3.97 32.66
CA PHE A 225 -8.52 -4.29 33.18
C PHE A 225 -8.77 -3.62 34.51
N LEU A 226 -7.71 -3.48 35.29
CA LEU A 226 -7.76 -2.71 36.54
C LEU A 226 -7.84 -1.21 36.25
N VAL A 227 -7.05 -0.74 35.31
CA VAL A 227 -6.91 0.71 35.13
C VAL A 227 -8.21 1.28 34.56
N ALA A 228 -8.85 0.45 33.75
CA ALA A 228 -10.10 0.81 33.11
C ALA A 228 -11.15 0.91 34.20
N ASN A 229 -11.17 -0.06 35.11
CA ASN A 229 -12.14 0.01 36.21
C ASN A 229 -12.00 1.23 37.13
N ARG A 230 -10.76 1.61 37.42
CA ARG A 230 -10.49 2.82 38.19
C ARG A 230 -10.98 4.03 37.42
N TYR A 231 -10.84 3.97 36.10
CA TYR A 231 -11.31 5.06 35.30
C TYR A 231 -12.83 5.16 35.38
N LEU A 232 -13.54 4.05 35.12
CA LEU A 232 -14.98 4.13 35.10
C LEU A 232 -15.52 4.69 36.42
N GLU A 233 -14.94 4.27 37.53
CA GLU A 233 -15.37 4.77 38.85
C GLU A 233 -15.29 6.29 38.92
N THR A 234 -14.21 6.86 38.38
CA THR A 234 -14.07 8.32 38.39
C THR A 234 -15.19 8.98 37.59
N ARG A 235 -15.94 8.19 36.82
CA ARG A 235 -16.94 8.76 35.91
C ARG A 235 -18.35 8.33 36.32
N SER A 236 -18.47 7.74 37.50
CA SER A 236 -19.77 7.27 37.98
C SER A 236 -20.25 6.05 37.24
N ILE A 237 -19.33 5.29 36.65
CA ILE A 237 -19.75 4.09 35.93
C ILE A 237 -19.29 2.88 36.72
N SER A 238 -20.17 1.89 36.90
CA SER A 238 -19.77 0.76 37.72
C SER A 238 -18.70 -0.02 36.96
N PRO A 239 -17.72 -0.56 37.69
CA PRO A 239 -16.59 -1.25 37.10
C PRO A 239 -17.05 -2.55 36.42
N ILE A 240 -16.25 -3.04 35.48
CA ILE A 240 -16.47 -4.37 34.92
C ILE A 240 -16.03 -5.47 35.88
N ASP A 241 -16.88 -6.48 36.02
CA ASP A 241 -16.45 -7.69 36.65
C ASP A 241 -15.88 -8.54 35.54
N TRP A 242 -14.57 -8.77 35.59
CA TRP A 242 -13.85 -9.40 34.48
C TRP A 242 -13.86 -10.94 34.57
N SER A 243 -14.57 -11.48 35.55
CA SER A 243 -14.82 -12.93 35.61
C SER A 243 -15.35 -13.40 34.27
N VAL A 244 -14.74 -14.46 33.77
CA VAL A 244 -15.24 -15.20 32.63
C VAL A 244 -16.40 -16.13 33.01
N LEU A 245 -16.35 -16.73 34.19
CA LEU A 245 -17.52 -17.48 34.69
C LEU A 245 -18.52 -16.65 35.49
N GLU A 246 -19.78 -17.01 35.35
CA GLU A 246 -20.92 -16.24 35.86
C GLU A 246 -20.87 -16.01 37.37
N MET B 1 8.84 -34.10 4.60
CA MET B 1 8.27 -33.73 5.92
C MET B 1 8.04 -32.22 5.98
N THR B 2 6.82 -31.82 6.31
CA THR B 2 6.45 -30.42 6.39
C THR B 2 7.39 -29.69 7.35
N LEU B 3 7.59 -28.42 7.11
CA LEU B 3 8.42 -27.62 8.01
C LEU B 3 7.90 -27.75 9.44
N GLU B 4 6.58 -27.64 9.59
CA GLU B 4 6.02 -27.58 10.93
C GLU B 4 6.16 -28.93 11.60
N LEU B 5 6.26 -30.00 10.82
CA LEU B 5 6.51 -31.29 11.44
C LEU B 5 7.96 -31.45 11.88
N GLN B 6 8.89 -31.07 11.02
CA GLN B 6 10.28 -30.94 11.43
C GLN B 6 10.38 -30.14 12.74
N LEU B 7 9.71 -29.00 12.83
CA LEU B 7 9.80 -28.14 14.04
C LEU B 7 9.27 -28.89 15.27
N LYS B 8 8.17 -29.61 15.08
CA LYS B 8 7.55 -30.33 16.17
C LYS B 8 8.46 -31.43 16.69
N HIS B 9 9.03 -32.23 15.78
CA HIS B 9 10.05 -33.21 16.16
C HIS B 9 11.25 -32.58 16.86
N TYR B 10 11.82 -31.52 16.30
CA TYR B 10 12.92 -30.86 17.01
C TYR B 10 12.47 -30.52 18.43
N ILE B 11 11.31 -29.89 18.57
CA ILE B 11 10.86 -29.43 19.89
C ILE B 11 10.58 -30.57 20.86
N THR B 12 9.78 -31.56 20.46
CA THR B 12 9.38 -32.60 21.40
C THR B 12 10.61 -33.40 21.78
N ASN B 13 11.54 -33.58 20.85
CA ASN B 13 12.82 -34.18 21.20
C ASN B 13 13.72 -33.32 22.09
N LEU B 14 13.77 -32.02 21.84
CA LEU B 14 14.62 -31.15 22.67
C LEU B 14 14.16 -31.10 24.14
N PHE B 15 12.86 -31.14 24.37
CA PHE B 15 12.28 -30.88 25.69
C PHE B 15 11.61 -32.14 26.23
N ASN B 16 11.77 -33.21 25.46
CA ASN B 16 11.25 -34.52 25.82
C ASN B 16 9.75 -34.44 26.10
N LEU B 17 8.99 -33.92 25.13
CA LEU B 17 7.52 -33.87 25.21
C LEU B 17 6.90 -35.05 24.48
N PRO B 18 5.62 -35.35 24.75
CA PRO B 18 4.97 -36.46 24.05
C PRO B 18 4.97 -36.21 22.53
N LYS B 19 5.71 -37.03 21.80
CA LYS B 19 5.83 -36.83 20.36
C LYS B 19 4.51 -36.84 19.61
N ASP B 20 3.50 -37.52 20.15
CA ASP B 20 2.27 -37.76 19.41
C ASP B 20 1.13 -36.90 19.92
N GLU B 21 1.44 -35.99 20.85
CA GLU B 21 0.47 -34.99 21.29
C GLU B 21 0.06 -34.10 20.11
N LYS B 22 -1.24 -33.91 19.91
CA LYS B 22 -1.71 -32.99 18.87
C LYS B 22 -1.26 -31.57 19.19
N TRP B 23 -0.65 -30.91 18.22
CA TRP B 23 -0.40 -29.48 18.37
C TRP B 23 -1.46 -28.67 17.61
N GLU B 24 -1.84 -27.53 18.20
CA GLU B 24 -2.70 -26.57 17.52
C GLU B 24 -1.85 -25.35 17.19
N CYS B 25 -2.32 -24.58 16.22
CA CYS B 25 -1.53 -23.50 15.70
C CYS B 25 -2.35 -22.23 15.72
N GLU B 26 -1.80 -21.17 16.30
CA GLU B 26 -2.44 -19.89 16.22
C GLU B 26 -1.71 -19.05 15.19
N SER B 27 -2.47 -18.55 14.23
CA SER B 27 -1.93 -17.84 13.10
C SER B 27 -2.46 -16.42 13.12
N ILE B 28 -1.55 -15.47 13.35
CA ILE B 28 -1.86 -14.05 13.27
C ILE B 28 -0.73 -13.19 12.70
N GLU B 29 -1.07 -11.95 12.33
CA GLU B 29 -0.09 -11.02 11.75
C GLU B 29 0.37 -10.02 12.79
N GLU B 30 1.63 -9.59 12.70
CA GLU B 30 2.13 -8.50 13.52
C GLU B 30 3.45 -8.06 12.89
N ILE B 31 3.82 -6.82 13.19
CA ILE B 31 5.03 -6.18 12.69
C ILE B 31 6.28 -6.81 13.26
N ALA B 32 7.25 -7.08 12.41
CA ALA B 32 8.48 -7.72 12.86
C ALA B 32 9.16 -7.02 14.04
N ASP B 33 9.07 -5.68 14.09
CA ASP B 33 9.70 -4.91 15.16
C ASP B 33 9.15 -5.26 16.54
N ASP B 34 7.91 -5.72 16.58
CA ASP B 34 7.26 -5.98 17.86
C ASP B 34 7.47 -7.42 18.30
N ILE B 35 8.17 -8.18 17.46
CA ILE B 35 8.47 -9.57 17.77
C ILE B 35 9.94 -9.94 17.87
N LEU B 36 10.70 -9.55 16.87
CA LEU B 36 12.07 -9.99 16.79
C LEU B 36 12.95 -9.11 17.68
N PRO B 37 14.10 -9.67 18.14
CA PRO B 37 15.16 -8.88 18.72
C PRO B 37 15.53 -7.69 17.85
N ASP B 38 15.81 -6.57 18.52
CA ASP B 38 16.27 -5.35 17.86
C ASP B 38 17.37 -5.60 16.81
N GLN B 39 18.37 -6.39 17.15
CA GLN B 39 19.45 -6.66 16.20
C GLN B 39 19.05 -7.37 14.90
N TYR B 40 17.80 -7.84 14.83
CA TYR B 40 17.36 -8.55 13.63
C TYR B 40 16.45 -7.67 12.77
N VAL B 41 16.24 -6.44 13.22
CA VAL B 41 15.27 -5.56 12.57
C VAL B 41 15.96 -4.26 12.15
N ARG B 42 16.03 -4.03 10.85
CA ARG B 42 16.64 -2.79 10.35
C ARG B 42 15.70 -2.17 9.34
N LEU B 43 15.80 -0.85 9.17
CA LEU B 43 15.14 -0.17 8.06
C LEU B 43 15.56 -0.71 6.69
N GLY B 44 14.58 -1.09 5.88
CA GLY B 44 14.88 -1.54 4.53
C GLY B 44 14.99 -3.05 4.49
N ALA B 45 14.92 -3.68 5.65
CA ALA B 45 14.86 -5.14 5.70
C ALA B 45 13.59 -5.60 6.41
N LEU B 46 13.70 -6.03 7.67
CA LEU B 46 12.52 -6.56 8.37
C LEU B 46 11.66 -5.48 9.03
N SER B 47 12.24 -4.31 9.23
CA SER B 47 11.54 -3.20 9.82
C SER B 47 10.30 -2.71 9.08
N ASN B 48 9.19 -2.64 9.80
CA ASN B 48 7.89 -2.25 9.26
C ASN B 48 7.21 -3.31 8.44
N LYS B 49 7.84 -4.48 8.31
CA LYS B 49 7.17 -5.57 7.61
C LYS B 49 6.24 -6.33 8.53
N ILE B 50 5.05 -6.61 7.99
CA ILE B 50 4.04 -7.47 8.61
C ILE B 50 4.25 -8.94 8.28
N LEU B 51 4.55 -9.70 9.34
CA LEU B 51 4.86 -11.09 9.18
C LEU B 51 3.56 -11.83 9.46
N GLN B 52 3.35 -12.91 8.73
CA GLN B 52 2.32 -13.89 9.06
C GLN B 52 2.98 -14.92 9.97
N THR B 53 2.39 -15.07 11.13
CA THR B 53 3.05 -15.63 12.27
C THR B 53 2.26 -16.90 12.63
N TYR B 54 2.95 -17.99 12.92
CA TYR B 54 2.30 -19.25 13.28
C TYR B 54 2.91 -19.67 14.61
N THR B 55 2.06 -19.82 15.61
CA THR B 55 2.49 -20.16 16.95
C THR B 55 1.80 -21.43 17.44
N TYR B 56 2.64 -22.41 17.77
CA TYR B 56 2.14 -23.74 18.11
C TYR B 56 1.90 -23.90 19.59
N TYR B 57 0.85 -24.64 19.94
CA TYR B 57 0.51 -24.79 21.34
C TYR B 57 -0.17 -26.13 21.59
N SER B 58 0.07 -26.64 22.81
CA SER B 58 -0.58 -27.87 23.29
C SER B 58 -0.61 -27.78 24.82
N ASP B 59 -1.14 -28.81 25.46
CA ASP B 59 -1.14 -28.90 26.92
C ASP B 59 0.27 -28.93 27.51
N THR B 60 1.13 -29.79 26.99
CA THR B 60 2.48 -29.90 27.54
C THR B 60 3.40 -28.76 27.11
N LEU B 61 3.09 -28.13 25.96
CA LEU B 61 3.76 -26.91 25.54
C LEU B 61 3.38 -25.75 26.45
N HIS B 62 2.09 -25.65 26.77
CA HIS B 62 1.67 -24.71 27.78
C HIS B 62 2.30 -24.95 29.13
N GLU B 63 2.20 -26.17 29.65
CA GLU B 63 2.96 -26.57 30.83
C GLU B 63 4.43 -26.14 30.77
N SER B 64 5.04 -26.21 29.58
CA SER B 64 6.46 -25.85 29.44
C SER B 64 6.73 -24.34 29.40
N ASN B 65 5.70 -23.52 29.20
CA ASN B 65 5.83 -22.19 28.55
C ASN B 65 6.82 -22.16 27.40
N ILE B 66 6.67 -23.14 26.52
CA ILE B 66 7.45 -23.14 25.29
C ILE B 66 6.58 -22.75 24.12
N TYR B 67 7.04 -21.76 23.36
CA TYR B 67 6.25 -21.34 22.20
C TYR B 67 7.06 -21.41 20.91
N PRO B 68 7.01 -22.55 20.21
CA PRO B 68 7.53 -22.71 18.86
C PRO B 68 6.78 -21.83 17.86
N PHE B 69 7.50 -21.32 16.87
CA PHE B 69 6.89 -20.42 15.90
C PHE B 69 7.60 -20.51 14.56
N ILE B 70 6.85 -20.17 13.53
CA ILE B 70 7.33 -20.01 12.17
C ILE B 70 6.71 -18.72 11.62
N LEU B 71 7.57 -17.83 11.16
CA LEU B 71 7.20 -16.52 10.64
C LEU B 71 7.46 -16.47 9.13
N TYR B 72 6.55 -15.78 8.42
CA TYR B 72 6.63 -15.64 6.98
C TYR B 72 6.48 -14.16 6.65
N TYR B 73 6.80 -13.84 5.41
CA TYR B 73 6.49 -12.54 4.92
C TYR B 73 6.09 -12.71 3.49
N GLN B 74 4.79 -12.63 3.25
CA GLN B 74 4.27 -12.76 1.90
C GLN B 74 4.82 -14.06 1.33
N LYS B 75 4.76 -15.11 2.15
CA LYS B 75 5.10 -16.47 1.71
C LYS B 75 6.60 -16.71 1.62
N GLN B 76 7.40 -15.66 1.78
CA GLN B 76 8.82 -15.87 2.07
C GLN B 76 8.99 -16.33 3.54
N LEU B 77 9.67 -17.46 3.76
CA LEU B 77 10.07 -17.83 5.11
C LEU B 77 10.94 -16.76 5.76
N ILE B 78 10.59 -16.41 6.99
CA ILE B 78 11.37 -15.40 7.70
C ILE B 78 12.07 -15.94 8.95
N ALA B 79 11.38 -16.81 9.67
CA ALA B 79 11.95 -17.34 10.89
C ALA B 79 11.29 -18.62 11.35
N ILE B 80 12.14 -19.46 11.95
CA ILE B 80 11.65 -20.60 12.69
C ILE B 80 12.34 -20.51 14.03
N GLY B 81 11.60 -20.75 15.12
CA GLY B 81 12.26 -20.89 16.38
C GLY B 81 11.27 -21.16 17.48
N TYR B 82 11.67 -20.79 18.69
CA TYR B 82 10.82 -20.92 19.86
C TYR B 82 11.19 -19.89 20.92
N ILE B 83 10.17 -19.44 21.64
CA ILE B 83 10.36 -18.60 22.81
C ILE B 83 10.17 -19.43 24.06
N ASP B 84 10.94 -19.13 25.11
CA ASP B 84 10.77 -19.81 26.39
C ASP B 84 10.08 -18.97 27.46
N GLU B 85 10.09 -19.45 28.70
CA GLU B 85 9.40 -18.83 29.84
C GLU B 85 9.79 -17.36 30.02
N ASN B 86 11.08 -17.08 29.84
CA ASN B 86 11.64 -15.78 30.19
C ASN B 86 11.78 -14.90 28.96
N HIS B 87 11.21 -15.40 27.86
CA HIS B 87 11.16 -14.69 26.59
C HIS B 87 12.54 -14.65 25.94
N ASP B 88 13.36 -15.64 26.25
CA ASP B 88 14.52 -15.91 25.43
C ASP B 88 14.03 -16.58 24.12
N MET B 89 14.18 -15.85 23.02
CA MET B 89 13.87 -16.39 21.71
C MET B 89 15.05 -17.20 21.20
N ASP B 90 14.79 -18.43 20.78
CA ASP B 90 15.81 -19.21 20.08
C ASP B 90 15.43 -19.34 18.60
N PHE B 91 16.41 -19.20 17.72
CA PHE B 91 16.14 -19.23 16.28
C PHE B 91 16.90 -20.35 15.60
N LEU B 92 16.20 -21.07 14.73
CA LEU B 92 16.82 -22.08 13.88
C LEU B 92 16.92 -21.56 12.46
N TYR B 93 16.36 -20.37 12.22
CA TYR B 93 16.35 -19.76 10.89
C TYR B 93 15.94 -18.29 10.98
N LEU B 94 16.60 -17.46 10.19
CA LEU B 94 16.24 -16.06 10.06
C LEU B 94 16.69 -15.48 8.71
N HIS B 95 15.75 -14.86 8.01
CA HIS B 95 16.00 -14.24 6.70
C HIS B 95 15.41 -12.83 6.77
N ASN B 96 16.15 -11.82 6.36
CA ASN B 96 15.68 -10.46 6.52
C ASN B 96 15.02 -9.88 5.26
N THR B 97 14.48 -10.75 4.41
CA THR B 97 13.98 -10.41 3.07
C THR B 97 15.03 -9.92 2.09
N ILE B 98 16.22 -9.62 2.58
CA ILE B 98 17.33 -9.31 1.69
C ILE B 98 18.18 -10.55 1.49
N MET B 99 18.56 -11.21 2.59
CA MET B 99 19.39 -12.41 2.52
C MET B 99 19.12 -13.29 3.72
N PRO B 100 19.60 -14.55 3.70
CA PRO B 100 19.61 -15.40 4.89
C PRO B 100 20.56 -14.81 5.95
N LEU B 101 20.06 -14.60 7.15
CA LEU B 101 20.91 -14.17 8.26
C LEU B 101 21.42 -15.31 9.13
N LEU B 102 20.57 -16.33 9.30
CA LEU B 102 20.80 -17.47 10.16
C LEU B 102 20.04 -18.66 9.55
N ASP B 103 20.77 -19.73 9.23
CA ASP B 103 20.13 -20.93 8.74
C ASP B 103 20.73 -22.15 9.42
N GLN B 104 20.08 -22.58 10.50
CA GLN B 104 20.50 -23.76 11.24
C GLN B 104 19.36 -24.78 11.19
N ARG B 105 18.67 -24.82 10.06
CA ARG B 105 17.65 -25.87 9.81
C ARG B 105 18.20 -27.29 9.79
N TYR B 106 19.51 -27.44 9.58
CA TYR B 106 20.12 -28.76 9.71
C TYR B 106 19.94 -29.30 11.13
N LEU B 107 19.79 -28.40 12.11
CA LEU B 107 19.46 -28.82 13.49
C LEU B 107 18.16 -29.62 13.65
N LEU B 108 17.16 -29.32 12.83
CA LEU B 108 15.90 -30.03 12.92
C LEU B 108 16.03 -31.56 12.79
N THR B 109 16.93 -32.00 11.91
CA THR B 109 16.90 -33.34 11.29
C THR B 109 15.66 -34.16 11.64
N LEU C 17 6.78 31.57 -41.26
CA LEU C 17 7.85 31.13 -40.33
C LEU C 17 9.04 30.63 -41.14
N ASP C 18 10.24 30.93 -40.64
CA ASP C 18 11.45 30.74 -41.42
C ASP C 18 12.33 29.65 -40.76
N TRP C 19 12.71 28.61 -41.50
CA TRP C 19 13.48 27.51 -40.90
C TRP C 19 14.80 27.95 -40.25
N THR C 20 15.59 28.71 -41.00
CA THR C 20 16.83 29.29 -40.48
C THR C 20 16.67 30.00 -39.14
N THR C 21 15.67 30.86 -39.04
CA THR C 21 15.38 31.54 -37.79
C THR C 21 14.94 30.56 -36.69
N PHE C 22 13.96 29.71 -37.03
CA PHE C 22 13.46 28.72 -36.10
C PHE C 22 14.60 27.84 -35.60
N ARG C 23 15.43 27.38 -36.51
CA ARG C 23 16.51 26.49 -36.12
C ARG C 23 17.44 27.19 -35.14
N ARG C 24 17.78 28.44 -35.45
CA ARG C 24 18.72 29.18 -34.61
C ARG C 24 18.17 29.40 -33.21
N VAL C 25 16.90 29.81 -33.15
CA VAL C 25 16.25 30.07 -31.86
C VAL C 25 16.37 28.87 -30.90
N PHE C 26 16.15 27.68 -31.44
CA PHE C 26 16.05 26.50 -30.60
C PHE C 26 17.27 25.60 -30.66
N LEU C 27 18.30 26.03 -31.40
CA LEU C 27 19.52 25.24 -31.60
C LEU C 27 19.12 23.83 -32.00
N ILE C 28 18.22 23.77 -32.98
CA ILE C 28 17.82 22.51 -33.55
C ILE C 28 18.87 22.02 -34.56
N ASP C 29 19.32 20.78 -34.37
CA ASP C 29 20.16 20.11 -35.37
C ASP C 29 19.51 20.01 -36.76
N ASP C 30 20.25 20.43 -37.77
CA ASP C 30 19.66 20.48 -39.09
C ASP C 30 19.21 19.11 -39.65
N ALA C 31 19.74 18.01 -39.12
CA ALA C 31 19.37 16.72 -39.67
C ALA C 31 17.86 16.48 -39.54
N TRP C 32 17.21 17.26 -38.68
CA TRP C 32 15.79 17.07 -38.39
C TRP C 32 14.92 17.94 -39.31
N ARG C 33 15.58 18.80 -40.08
CA ARG C 33 14.85 19.64 -41.04
C ARG C 33 13.73 18.94 -41.81
N PRO C 34 14.00 17.77 -42.42
CA PRO C 34 12.95 17.38 -43.35
C PRO C 34 11.71 16.89 -42.61
N LEU C 35 11.83 16.63 -41.32
CA LEU C 35 10.73 16.09 -40.55
C LEU C 35 9.96 17.20 -39.84
N MET C 36 10.64 18.33 -39.63
CA MET C 36 10.10 19.41 -38.79
C MET C 36 9.72 20.59 -39.67
N GLU C 37 10.55 20.89 -40.67
CA GLU C 37 10.27 22.03 -41.53
C GLU C 37 8.85 22.10 -42.10
N PRO C 38 8.32 20.97 -42.59
CA PRO C 38 6.91 20.98 -42.97
C PRO C 38 5.94 21.61 -41.97
N GLU C 39 6.13 21.40 -40.67
CA GLU C 39 5.36 22.07 -39.62
C GLU C 39 5.23 23.60 -39.73
N LEU C 40 6.27 24.29 -40.21
CA LEU C 40 6.26 25.77 -40.19
C LEU C 40 5.31 26.37 -41.23
N ALA C 41 4.87 25.52 -42.15
CA ALA C 41 3.83 25.91 -43.11
C ALA C 41 2.45 25.94 -42.46
N ASN C 42 2.29 25.25 -41.32
CA ASN C 42 0.96 25.17 -40.67
C ASN C 42 0.75 26.38 -39.78
N PRO C 43 -0.36 27.14 -39.97
CA PRO C 43 -0.85 28.21 -39.09
C PRO C 43 -0.77 27.91 -37.60
N LEU C 44 -1.19 26.71 -37.21
CA LEU C 44 -1.17 26.31 -35.81
C LEU C 44 0.28 26.31 -35.30
N THR C 45 1.23 25.94 -36.14
CA THR C 45 2.59 25.98 -35.64
C THR C 45 2.92 27.43 -35.30
N ALA C 46 2.50 28.35 -36.13
CA ALA C 46 2.66 29.78 -35.79
C ALA C 46 1.97 30.17 -34.50
N HIS C 47 0.78 29.64 -34.24
CA HIS C 47 0.12 29.98 -32.98
C HIS C 47 0.79 29.36 -31.76
N LEU C 48 1.22 28.11 -31.91
CA LEU C 48 1.95 27.46 -30.83
C LEU C 48 3.12 28.33 -30.42
N LEU C 49 3.99 28.64 -31.38
CA LEU C 49 5.25 29.34 -31.07
C LEU C 49 5.02 30.70 -30.43
N ALA C 50 4.03 31.41 -30.97
CA ALA C 50 3.48 32.60 -30.38
C ALA C 50 2.98 32.44 -28.96
N GLU C 51 2.29 31.34 -28.70
CA GLU C 51 1.79 31.13 -27.35
C GLU C 51 2.95 30.66 -26.44
N TYR C 52 3.86 29.87 -26.98
CA TYR C 52 5.09 29.58 -26.23
C TYR C 52 5.84 30.89 -25.89
N ASN C 53 5.94 31.76 -26.88
CA ASN C 53 6.62 33.05 -26.67
C ASN C 53 5.96 33.79 -25.52
N ARG C 54 4.63 33.83 -25.57
CA ARG C 54 3.89 34.60 -24.62
C ARG C 54 3.97 34.03 -23.21
N ARG C 55 3.89 32.71 -23.07
CA ARG C 55 4.17 32.08 -21.78
C ARG C 55 5.55 32.52 -21.26
N CYS C 56 6.58 32.44 -22.08
CA CYS C 56 7.96 32.73 -21.69
C CYS C 56 8.14 34.16 -21.18
N GLN C 57 7.24 35.05 -21.58
CA GLN C 57 7.38 36.45 -21.21
C GLN C 57 6.53 36.70 -19.98
N THR C 58 5.63 35.76 -19.68
CA THR C 58 4.66 35.99 -18.62
C THR C 58 4.80 35.04 -17.43
N GLU C 59 5.59 33.99 -17.58
CA GLU C 59 5.77 33.02 -16.52
C GLU C 59 7.07 32.25 -16.74
N GLU C 60 7.43 31.45 -15.73
CA GLU C 60 8.66 30.65 -15.75
C GLU C 60 8.43 29.37 -16.53
N VAL C 61 9.17 29.23 -17.62
CA VAL C 61 8.94 28.18 -18.59
C VAL C 61 10.13 27.21 -18.58
N LEU C 62 9.82 25.92 -18.43
CA LEU C 62 10.83 24.86 -18.45
C LEU C 62 10.60 23.93 -19.63
N PRO C 63 11.66 23.29 -20.13
CA PRO C 63 13.05 23.43 -19.74
C PRO C 63 13.63 24.70 -20.36
N PRO C 64 14.89 25.05 -20.05
CA PRO C 64 15.47 26.25 -20.71
C PRO C 64 15.41 26.15 -22.25
N ARG C 65 15.30 27.30 -22.90
CA ARG C 65 14.97 27.35 -24.33
C ARG C 65 15.79 26.42 -25.21
N GLU C 66 17.10 26.41 -24.97
CA GLU C 66 18.03 25.69 -25.83
C GLU C 66 17.95 24.19 -25.64
N ASP C 67 17.28 23.79 -24.57
CA ASP C 67 17.01 22.38 -24.26
C ASP C 67 15.69 21.85 -24.81
N VAL C 68 14.74 22.73 -25.14
CA VAL C 68 13.39 22.27 -25.52
C VAL C 68 13.55 21.24 -26.64
N PHE C 69 14.53 21.50 -27.51
CA PHE C 69 14.81 20.65 -28.65
C PHE C 69 16.13 19.94 -28.59
N SER C 70 16.64 19.70 -27.37
CA SER C 70 17.79 18.86 -27.16
C SER C 70 17.68 17.50 -27.84
N TRP C 71 16.48 16.91 -27.85
CA TRP C 71 16.37 15.60 -28.50
C TRP C 71 16.74 15.59 -30.00
N THR C 72 16.64 16.73 -30.69
CA THR C 72 17.12 16.76 -32.07
C THR C 72 18.62 16.65 -32.19
N ARG C 73 19.34 16.95 -31.11
CA ARG C 73 20.78 17.12 -31.21
C ARG C 73 21.54 15.83 -30.88
N TYR C 74 20.92 14.95 -30.11
CA TYR C 74 21.62 13.72 -29.67
C TYR C 74 21.78 12.70 -30.78
N CYS C 75 20.74 12.55 -31.60
CA CYS C 75 20.83 11.69 -32.76
C CYS C 75 20.01 12.25 -33.93
N THR C 76 20.33 11.80 -35.13
CA THR C 76 19.64 12.19 -36.34
C THR C 76 18.42 11.30 -36.48
N PRO C 77 17.50 11.65 -37.38
CA PRO C 77 16.33 10.81 -37.64
C PRO C 77 16.75 9.41 -38.06
N ASP C 78 17.81 9.27 -38.85
CA ASP C 78 18.22 7.98 -39.36
C ASP C 78 18.84 7.10 -38.28
N GLU C 79 19.29 7.71 -37.19
CA GLU C 79 19.83 6.97 -36.04
C GLU C 79 18.74 6.43 -35.09
N VAL C 80 17.53 6.98 -35.17
CA VAL C 80 16.47 6.63 -34.27
C VAL C 80 16.16 5.15 -34.43
N ARG C 81 16.28 4.39 -33.34
CA ARG C 81 15.89 2.99 -33.35
C ARG C 81 14.62 2.71 -32.53
N VAL C 82 14.46 3.43 -31.43
CA VAL C 82 13.38 3.18 -30.47
C VAL C 82 12.81 4.52 -30.11
N VAL C 83 11.50 4.54 -30.06
CA VAL C 83 10.78 5.74 -29.65
C VAL C 83 10.08 5.51 -28.32
N ILE C 84 10.45 6.33 -27.35
CA ILE C 84 9.80 6.26 -26.02
C ILE C 84 9.04 7.55 -25.71
N ILE C 85 7.73 7.44 -25.55
CA ILE C 85 6.84 8.60 -25.52
C ILE C 85 6.60 9.06 -24.07
N GLY C 86 6.78 10.35 -23.82
CA GLY C 86 6.59 10.88 -22.48
C GLY C 86 5.44 11.85 -22.60
N GLN C 87 4.97 12.38 -21.48
CA GLN C 87 3.89 13.38 -21.53
C GLN C 87 4.51 14.78 -21.59
N ASP C 88 4.91 15.32 -20.45
CA ASP C 88 5.58 16.62 -20.51
C ASP C 88 6.80 16.66 -19.58
N PRO C 89 7.56 17.76 -19.63
CA PRO C 89 8.83 17.85 -18.95
C PRO C 89 8.65 18.01 -17.44
N TYR C 90 9.62 17.53 -16.68
CA TYR C 90 9.67 17.85 -15.26
C TYR C 90 9.52 19.35 -15.06
N HIS C 91 8.74 19.75 -14.06
CA HIS C 91 8.44 21.15 -13.87
C HIS C 91 9.17 21.81 -12.70
N HIS C 92 10.14 21.12 -12.10
CA HIS C 92 11.00 21.78 -11.12
C HIS C 92 12.32 22.15 -11.77
N PRO C 93 12.86 23.32 -11.43
CA PRO C 93 14.12 23.67 -12.06
C PRO C 93 15.17 22.60 -11.85
N GLY C 94 16.07 22.49 -12.82
CA GLY C 94 17.22 21.63 -12.76
C GLY C 94 16.91 20.21 -13.23
N GLN C 95 15.65 19.86 -13.39
CA GLN C 95 15.30 18.47 -13.71
C GLN C 95 15.26 18.15 -15.21
N ALA C 96 14.36 18.80 -15.93
CA ALA C 96 14.21 18.58 -17.37
C ALA C 96 15.42 19.05 -18.17
N HIS C 97 15.74 18.33 -19.24
CA HIS C 97 16.69 18.89 -20.20
C HIS C 97 16.32 18.62 -21.64
N GLY C 98 15.03 18.42 -21.88
CA GLY C 98 14.52 18.18 -23.23
C GLY C 98 14.33 16.73 -23.69
N LEU C 99 14.61 15.76 -22.83
CA LEU C 99 14.24 14.36 -23.10
C LEU C 99 13.06 13.91 -22.26
N ALA C 100 12.25 12.97 -22.76
CA ALA C 100 11.30 12.26 -21.87
C ALA C 100 12.05 11.55 -20.75
N PHE C 101 11.49 11.56 -19.54
CA PHE C 101 12.04 10.84 -18.40
C PHE C 101 13.41 11.24 -17.82
N SER C 102 14.41 11.38 -18.67
CA SER C 102 15.77 11.75 -18.22
C SER C 102 15.73 12.97 -17.31
N VAL C 103 16.57 12.99 -16.28
CA VAL C 103 16.89 14.21 -15.56
C VAL C 103 18.37 14.60 -15.77
N ARG C 104 18.72 15.84 -15.49
CA ARG C 104 20.13 16.25 -15.57
C ARG C 104 20.95 15.39 -14.61
N ALA C 105 22.27 15.46 -14.78
CA ALA C 105 23.18 14.46 -14.23
C ALA C 105 23.16 14.30 -12.72
N ASN C 106 23.14 15.39 -11.97
CA ASN C 106 23.20 15.22 -10.53
C ASN C 106 21.87 15.22 -9.77
N VAL C 107 20.77 14.99 -10.49
CA VAL C 107 19.43 14.91 -9.90
C VAL C 107 19.09 13.46 -9.54
N PRO C 108 18.74 13.21 -8.27
CA PRO C 108 18.35 11.82 -7.96
C PRO C 108 17.09 11.42 -8.74
N PRO C 109 17.09 10.25 -9.40
CA PRO C 109 15.93 9.88 -10.22
C PRO C 109 14.65 9.95 -9.40
N PRO C 110 13.60 10.63 -9.90
CA PRO C 110 12.31 10.58 -9.18
C PRO C 110 11.61 9.24 -9.38
N PRO C 111 10.42 9.04 -8.76
CA PRO C 111 9.88 7.70 -8.69
C PRO C 111 9.68 7.04 -10.04
N SER C 112 9.17 7.78 -11.04
CA SER C 112 8.85 7.14 -12.31
C SER C 112 10.11 6.62 -13.01
N LEU C 113 11.12 7.48 -13.05
CA LEU C 113 12.37 7.21 -13.75
C LEU C 113 13.10 6.07 -13.02
N ARG C 114 13.00 6.07 -11.71
CA ARG C 114 13.65 5.06 -10.92
C ARG C 114 13.01 3.69 -11.17
N ASN C 115 11.72 3.67 -11.46
CA ASN C 115 11.12 2.44 -11.92
C ASN C 115 11.55 2.07 -13.34
N VAL C 116 11.73 3.07 -14.21
CA VAL C 116 12.15 2.77 -15.58
C VAL C 116 13.49 2.02 -15.51
N LEU C 117 14.43 2.63 -14.80
CA LEU C 117 15.74 2.07 -14.57
C LEU C 117 15.75 0.73 -13.83
N ALA C 118 14.83 0.55 -12.90
CA ALA C 118 14.70 -0.77 -12.26
C ALA C 118 14.29 -1.85 -13.25
N ALA C 119 13.41 -1.50 -14.17
CA ALA C 119 13.00 -2.41 -15.21
C ALA C 119 14.17 -2.73 -16.14
N VAL C 120 15.01 -1.72 -16.36
CA VAL C 120 16.16 -1.93 -17.22
C VAL C 120 17.05 -2.96 -16.58
N LYS C 121 17.28 -2.79 -15.28
CA LYS C 121 18.18 -3.67 -14.54
C LYS C 121 17.60 -5.07 -14.39
N ASN C 122 16.29 -5.15 -14.32
CA ASN C 122 15.65 -6.45 -14.33
C ASN C 122 15.76 -7.16 -15.66
N CYS C 123 15.55 -6.42 -16.73
CA CYS C 123 15.70 -6.98 -18.06
C CYS C 123 17.17 -7.35 -18.25
N TYR C 124 18.06 -6.43 -17.89
CA TYR C 124 19.49 -6.67 -18.00
C TYR C 124 20.25 -6.55 -16.69
N PRO C 125 20.43 -7.67 -15.97
CA PRO C 125 21.13 -7.72 -14.69
C PRO C 125 22.54 -7.21 -14.84
N GLU C 126 23.06 -7.27 -16.07
CA GLU C 126 24.43 -6.85 -16.33
C GLU C 126 24.63 -5.35 -16.59
N ALA C 127 23.51 -4.64 -16.79
CA ALA C 127 23.56 -3.25 -17.24
C ALA C 127 24.27 -2.33 -16.24
N ARG C 128 25.08 -1.42 -16.77
CA ARG C 128 25.86 -0.53 -15.91
C ARG C 128 25.00 0.69 -15.59
N MET C 129 24.49 0.72 -14.36
CA MET C 129 23.72 1.85 -13.88
C MET C 129 24.51 2.62 -12.83
N SER C 130 24.59 3.93 -13.01
CA SER C 130 25.34 4.77 -12.09
C SER C 130 24.57 5.10 -10.81
N GLY C 131 23.30 4.70 -10.77
CA GLY C 131 22.36 5.32 -9.83
C GLY C 131 22.02 6.75 -10.21
N HIS C 132 22.38 7.16 -11.42
CA HIS C 132 21.92 8.44 -11.92
C HIS C 132 20.89 8.29 -13.03
N GLY C 133 20.25 9.41 -13.39
CA GLY C 133 19.03 9.33 -14.18
C GLY C 133 19.19 9.98 -15.54
N CYS C 134 20.39 10.42 -15.88
CA CYS C 134 20.54 11.14 -17.13
C CYS C 134 20.73 10.23 -18.35
N LEU C 135 19.83 10.33 -19.32
CA LEU C 135 19.69 9.26 -20.30
C LEU C 135 20.36 9.59 -21.64
N GLU C 136 21.39 10.43 -21.57
CA GLU C 136 21.97 11.05 -22.76
C GLU C 136 22.60 9.99 -23.65
N LYS C 137 23.28 9.04 -23.02
CA LYS C 137 23.79 7.86 -23.73
C LYS C 137 22.71 7.22 -24.60
N TRP C 138 21.50 7.04 -24.08
CA TRP C 138 20.47 6.31 -24.84
C TRP C 138 20.09 7.16 -26.05
N ALA C 139 19.84 8.42 -25.77
CA ALA C 139 19.53 9.40 -26.81
C ALA C 139 20.56 9.36 -27.92
N ARG C 140 21.84 9.24 -27.57
CA ARG C 140 22.85 9.29 -28.61
C ARG C 140 22.90 7.97 -29.39
N ASP C 141 22.41 6.91 -28.76
CA ASP C 141 22.30 5.62 -29.41
C ASP C 141 20.99 5.39 -30.15
N GLY C 142 20.18 6.44 -30.29
CA GLY C 142 18.99 6.37 -31.13
C GLY C 142 17.71 6.01 -30.39
N VAL C 143 17.78 6.06 -29.07
CA VAL C 143 16.60 6.00 -28.25
C VAL C 143 16.01 7.40 -28.19
N LEU C 144 15.04 7.64 -29.06
CA LEU C 144 14.23 8.84 -28.99
C LEU C 144 13.33 8.96 -27.76
N LEU C 145 13.73 9.88 -26.90
CA LEU C 145 13.03 10.09 -25.65
C LEU C 145 12.15 11.33 -25.73
N LEU C 146 10.90 11.15 -26.16
CA LEU C 146 10.16 12.28 -26.72
C LEU C 146 8.86 12.52 -25.99
N ASN C 147 8.80 13.68 -25.33
CA ASN C 147 7.55 14.14 -24.74
C ASN C 147 6.70 14.72 -25.84
N THR C 148 5.40 14.50 -25.73
CA THR C 148 4.45 15.09 -26.64
C THR C 148 4.25 16.58 -26.37
N THR C 149 4.40 16.99 -25.10
CA THR C 149 4.35 18.41 -24.75
C THR C 149 5.78 18.86 -24.42
N LEU C 150 6.32 19.85 -25.12
CA LEU C 150 7.76 20.13 -25.02
C LEU C 150 8.16 21.10 -23.91
N THR C 151 7.15 21.80 -23.36
CA THR C 151 7.39 22.81 -22.31
C THR C 151 6.38 22.66 -21.17
N VAL C 152 6.71 23.25 -20.02
CA VAL C 152 5.78 23.31 -18.88
C VAL C 152 6.11 24.60 -18.14
N LYS C 153 5.08 25.14 -17.48
CA LYS C 153 5.22 26.16 -16.43
C LYS C 153 5.77 25.53 -15.17
N ARG C 154 6.81 26.16 -14.61
CA ARG C 154 7.42 25.72 -13.36
C ARG C 154 6.30 25.42 -12.36
N GLY C 155 6.44 24.30 -11.65
CA GLY C 155 5.58 24.04 -10.52
C GLY C 155 4.24 23.44 -10.95
N ALA C 156 3.96 23.39 -12.25
CA ALA C 156 2.62 23.02 -12.70
C ALA C 156 2.56 22.02 -13.87
N ALA C 157 2.49 20.77 -13.50
CA ALA C 157 2.47 19.70 -14.49
C ALA C 157 1.30 19.82 -15.46
N ALA C 158 1.60 19.59 -16.74
CA ALA C 158 0.58 19.60 -17.79
C ALA C 158 0.07 21.00 -18.09
N SER C 159 0.68 21.99 -17.45
CA SER C 159 0.24 23.38 -17.58
C SER C 159 0.29 23.83 -19.04
N HIS C 160 1.24 23.28 -19.81
CA HIS C 160 1.27 23.58 -21.25
C HIS C 160 0.73 22.45 -22.15
N SER C 161 0.06 21.46 -21.57
CA SER C 161 -0.46 20.34 -22.40
C SER C 161 -1.40 20.72 -23.55
N ARG C 162 -1.96 21.91 -23.54
CA ARG C 162 -2.98 22.25 -24.51
C ARG C 162 -2.61 23.43 -25.40
N ILE C 163 -1.33 23.84 -25.38
CA ILE C 163 -0.90 24.94 -26.25
C ILE C 163 -0.59 24.51 -27.68
N GLY C 164 -0.44 23.22 -27.92
CA GLY C 164 -0.33 22.72 -29.31
C GLY C 164 0.95 21.99 -29.72
N TRP C 165 1.84 21.74 -28.76
CA TRP C 165 3.00 20.86 -28.94
C TRP C 165 2.60 19.49 -29.43
N ASP C 166 1.54 18.94 -28.85
CA ASP C 166 1.19 17.54 -29.17
C ASP C 166 1.04 17.28 -30.66
N ARG C 167 0.32 18.17 -31.34
CA ARG C 167 0.07 18.08 -32.76
C ARG C 167 1.41 18.19 -33.47
N PHE C 168 2.21 19.14 -33.02
CA PHE C 168 3.42 19.47 -33.74
C PHE C 168 4.38 18.29 -33.64
N VAL C 169 4.65 17.91 -32.40
CA VAL C 169 5.43 16.72 -32.10
C VAL C 169 4.86 15.45 -32.79
N GLY C 170 3.55 15.24 -32.71
CA GLY C 170 2.97 14.02 -33.30
C GLY C 170 3.20 14.07 -34.81
N GLY C 171 3.27 15.27 -35.38
CA GLY C 171 3.55 15.34 -36.81
C GLY C 171 4.98 14.89 -37.09
N VAL C 172 5.94 15.40 -36.34
CA VAL C 172 7.31 14.91 -36.47
C VAL C 172 7.39 13.39 -36.32
N ILE C 173 6.73 12.82 -35.32
CA ILE C 173 6.81 11.37 -35.14
C ILE C 173 6.25 10.64 -36.37
N ARG C 174 5.14 11.16 -36.91
CA ARG C 174 4.45 10.54 -38.02
C ARG C 174 5.39 10.55 -39.22
N ARG C 175 6.05 11.68 -39.43
CA ARG C 175 6.94 11.78 -40.56
C ARG C 175 8.12 10.84 -40.37
N LEU C 176 8.61 10.75 -39.14
CA LEU C 176 9.67 9.81 -38.82
C LEU C 176 9.27 8.37 -39.10
N ALA C 177 8.13 7.98 -38.54
CA ALA C 177 7.68 6.60 -38.66
C ALA C 177 7.44 6.25 -40.12
N ALA C 178 6.99 7.23 -40.90
CA ALA C 178 6.74 7.04 -42.33
C ALA C 178 7.98 6.87 -43.20
N ARG C 179 9.14 7.38 -42.79
CA ARG C 179 10.37 7.24 -43.58
C ARG C 179 10.85 5.80 -43.76
N ARG C 180 10.93 5.04 -42.67
CA ARG C 180 11.08 3.60 -42.82
C ARG C 180 10.46 2.77 -41.72
N PRO C 181 10.04 1.55 -42.06
CA PRO C 181 9.39 0.70 -41.08
C PRO C 181 10.43 0.21 -40.10
N GLY C 182 9.96 -0.41 -39.03
CA GLY C 182 10.86 -1.13 -38.17
C GLY C 182 11.31 -0.33 -36.96
N LEU C 183 10.60 0.74 -36.63
CA LEU C 183 10.85 1.37 -35.33
C LEU C 183 10.21 0.55 -34.24
N VAL C 184 10.88 0.56 -33.09
CA VAL C 184 10.23 0.20 -31.83
C VAL C 184 9.60 1.42 -31.18
N PHE C 185 8.32 1.27 -30.87
CA PHE C 185 7.69 2.25 -29.98
C PHE C 185 7.51 1.64 -28.61
N MET C 186 7.80 2.40 -27.58
CA MET C 186 7.43 1.96 -26.24
C MET C 186 6.45 2.95 -25.67
N LEU C 187 5.23 2.47 -25.46
CA LEU C 187 4.10 3.34 -25.11
C LEU C 187 3.61 3.09 -23.68
N TRP C 188 4.11 3.89 -22.74
CA TRP C 188 3.83 3.56 -21.31
C TRP C 188 2.77 4.46 -20.69
N GLY C 189 1.63 3.87 -20.35
CA GLY C 189 0.54 4.60 -19.73
C GLY C 189 -0.42 5.06 -20.81
N THR C 190 -1.56 5.58 -20.36
CA THR C 190 -2.72 5.73 -21.23
C THR C 190 -2.56 6.90 -22.19
N HIS C 191 -1.93 7.97 -21.71
CA HIS C 191 -1.67 9.09 -22.58
C HIS C 191 -0.92 8.69 -23.84
N ALA C 192 0.14 7.90 -23.66
CA ALA C 192 1.06 7.62 -24.75
C ALA C 192 0.39 6.66 -25.70
N GLN C 193 -0.35 5.69 -25.17
CA GLN C 193 -1.04 4.73 -26.05
C GLN C 193 -2.21 5.34 -26.81
N ASN C 194 -2.82 6.38 -26.26
CA ASN C 194 -3.86 7.09 -26.98
C ASN C 194 -3.31 8.01 -28.05
N ALA C 195 -2.27 8.76 -27.70
CA ALA C 195 -1.75 9.77 -28.62
C ALA C 195 -1.07 9.16 -29.84
N ILE C 196 -0.38 8.06 -29.60
CA ILE C 196 0.53 7.50 -30.59
C ILE C 196 0.06 6.08 -30.86
N ARG C 197 -0.36 5.80 -32.09
CA ARG C 197 -0.83 4.47 -32.45
C ARG C 197 -0.21 4.08 -33.79
N PRO C 198 1.04 3.59 -33.75
CA PRO C 198 1.74 3.19 -34.96
C PRO C 198 1.14 1.92 -35.55
N ASP C 199 1.28 1.76 -36.87
CA ASP C 199 0.83 0.54 -37.54
C ASP C 199 1.68 -0.63 -37.04
N PRO C 200 1.06 -1.57 -36.33
CA PRO C 200 1.83 -2.66 -35.73
C PRO C 200 2.38 -3.65 -36.76
N ARG C 201 1.94 -3.54 -38.01
CA ARG C 201 2.45 -4.39 -39.09
C ARG C 201 3.76 -3.81 -39.60
N VAL C 202 4.00 -2.54 -39.29
CA VAL C 202 5.15 -1.83 -39.84
C VAL C 202 6.19 -1.57 -38.77
N HIS C 203 5.73 -1.23 -37.57
CA HIS C 203 6.61 -1.01 -36.45
C HIS C 203 6.31 -2.00 -35.34
N CYS C 204 7.30 -2.21 -34.49
CA CYS C 204 7.11 -2.88 -33.20
C CYS C 204 6.51 -1.95 -32.15
N VAL C 205 5.27 -2.24 -31.76
CA VAL C 205 4.56 -1.39 -30.81
C VAL C 205 4.55 -2.05 -29.42
N LEU C 206 5.24 -1.44 -28.46
CA LEU C 206 5.27 -2.09 -27.14
C LEU C 206 4.44 -1.36 -26.09
N LYS C 207 3.49 -2.04 -25.46
CA LYS C 207 2.61 -1.31 -24.56
C LYS C 207 2.79 -1.76 -23.11
N PHE C 208 2.68 -0.80 -22.20
CA PHE C 208 2.71 -1.05 -20.77
C PHE C 208 2.02 0.06 -20.01
N SER C 209 1.77 -0.19 -18.72
CA SER C 209 1.18 0.83 -17.89
C SER C 209 2.32 1.82 -17.62
N HIS C 210 1.98 2.94 -16.97
CA HIS C 210 2.93 4.03 -16.73
C HIS C 210 3.92 3.61 -15.65
N PRO C 211 5.14 4.15 -15.71
CA PRO C 211 6.13 3.67 -14.77
C PRO C 211 5.90 4.20 -13.37
N SER C 212 5.07 5.22 -13.21
CA SER C 212 4.91 5.75 -11.83
C SER C 212 4.67 4.61 -10.85
N PRO C 213 5.21 4.72 -9.63
CA PRO C 213 4.86 3.70 -8.63
C PRO C 213 3.39 3.69 -8.28
N LEU C 214 2.62 4.71 -8.68
CA LEU C 214 1.19 4.71 -8.44
C LEU C 214 0.38 3.72 -9.31
N SER C 215 0.94 3.29 -10.44
CA SER C 215 0.31 2.31 -11.31
C SER C 215 -0.05 0.99 -10.64
N LYS C 216 -1.20 0.43 -10.97
CA LYS C 216 -1.54 -0.91 -10.46
C LYS C 216 -0.45 -1.94 -10.74
N VAL C 217 0.01 -2.04 -11.98
CA VAL C 217 1.08 -2.96 -12.29
C VAL C 217 2.43 -2.31 -12.02
N PRO C 218 3.31 -3.03 -11.30
CA PRO C 218 4.65 -2.49 -11.10
C PRO C 218 5.39 -2.47 -12.41
N PHE C 219 5.93 -1.31 -12.76
CA PHE C 219 6.68 -1.20 -14.00
C PHE C 219 7.99 -2.00 -13.92
N GLY C 220 8.42 -2.26 -12.68
CA GLY C 220 9.58 -3.10 -12.45
C GLY C 220 9.58 -4.35 -13.31
N THR C 221 8.38 -4.83 -13.63
CA THR C 221 8.21 -6.08 -14.34
C THR C 221 8.18 -5.87 -15.86
N CYS C 222 8.26 -4.62 -16.32
CA CYS C 222 8.22 -4.39 -17.78
C CYS C 222 9.43 -5.03 -18.46
N GLN C 223 9.17 -5.70 -19.58
CA GLN C 223 10.21 -6.42 -20.31
C GLN C 223 10.55 -5.77 -21.66
N HIS C 224 10.04 -4.55 -21.85
CA HIS C 224 10.18 -3.85 -23.13
C HIS C 224 11.61 -3.75 -23.64
N PHE C 225 12.55 -3.64 -22.72
CA PHE C 225 13.91 -3.30 -23.15
C PHE C 225 14.59 -4.52 -23.77
N LEU C 226 14.20 -5.68 -23.27
CA LEU C 226 14.56 -6.96 -23.87
C LEU C 226 13.79 -7.20 -25.14
N VAL C 227 12.48 -7.02 -25.12
CA VAL C 227 11.66 -7.44 -26.27
C VAL C 227 11.99 -6.66 -27.54
N ALA C 228 12.25 -5.36 -27.33
CA ALA C 228 12.62 -4.44 -28.39
C ALA C 228 13.92 -4.90 -28.99
N ASN C 229 14.89 -5.23 -28.14
CA ASN C 229 16.16 -5.73 -28.66
C ASN C 229 16.04 -6.97 -29.52
N ARG C 230 15.23 -7.91 -29.05
CA ARG C 230 14.99 -9.14 -29.81
C ARG C 230 14.31 -8.77 -31.11
N TYR C 231 13.46 -7.75 -31.10
CA TYR C 231 12.85 -7.32 -32.36
C TYR C 231 13.89 -6.74 -33.30
N LEU C 232 14.65 -5.75 -32.85
CA LEU C 232 15.66 -5.17 -33.72
C LEU C 232 16.53 -6.22 -34.39
N GLU C 233 16.95 -7.24 -33.64
CA GLU C 233 17.82 -8.28 -34.16
C GLU C 233 17.15 -8.94 -35.37
N THR C 234 15.85 -9.21 -35.22
CA THR C 234 15.10 -9.79 -36.32
C THR C 234 15.08 -8.91 -37.57
N ARG C 235 15.57 -7.68 -37.47
CA ARG C 235 15.50 -6.74 -38.59
C ARG C 235 16.89 -6.31 -39.09
N SER C 236 17.95 -6.95 -38.61
CA SER C 236 19.32 -6.52 -38.92
C SER C 236 19.70 -5.21 -38.26
N ILE C 237 19.23 -4.97 -37.04
CA ILE C 237 19.52 -3.72 -36.35
C ILE C 237 20.11 -4.08 -35.00
N SER C 238 21.29 -3.52 -34.72
CA SER C 238 22.01 -3.98 -33.54
C SER C 238 21.17 -3.52 -32.36
N PRO C 239 21.16 -4.32 -31.28
CA PRO C 239 20.37 -4.05 -30.09
C PRO C 239 20.84 -2.76 -29.41
N ILE C 240 19.95 -2.14 -28.63
CA ILE C 240 20.32 -1.10 -27.67
C ILE C 240 21.03 -1.66 -26.44
N ASP C 241 22.17 -1.05 -26.11
CA ASP C 241 22.83 -1.30 -24.86
C ASP C 241 22.14 -0.35 -23.88
N TRP C 242 21.36 -0.89 -22.96
CA TRP C 242 20.53 -0.07 -22.08
C TRP C 242 21.24 0.47 -20.84
N SER C 243 22.50 0.09 -20.66
CA SER C 243 23.38 0.78 -19.70
C SER C 243 23.16 2.27 -19.69
N VAL C 244 23.05 2.82 -18.49
CA VAL C 244 23.00 4.26 -18.32
C VAL C 244 24.42 4.81 -18.21
N LEU C 245 25.33 4.09 -17.57
CA LEU C 245 26.75 4.47 -17.54
C LEU C 245 27.49 4.01 -18.79
N GLU C 246 28.37 4.88 -19.27
CA GLU C 246 29.23 4.63 -20.43
C GLU C 246 29.92 3.26 -20.37
N MET D 1 -1.30 23.63 9.35
CA MET D 1 -0.40 22.55 8.84
C MET D 1 -0.89 22.05 7.49
N THR D 2 -0.06 22.16 6.47
CA THR D 2 -0.44 21.77 5.13
C THR D 2 -0.81 20.28 5.12
N LEU D 3 -1.63 19.89 4.16
CA LEU D 3 -1.99 18.49 4.04
C LEU D 3 -0.74 17.62 3.89
N GLU D 4 0.24 18.11 3.14
CA GLU D 4 1.35 17.23 2.85
C GLU D 4 2.25 17.10 4.08
N LEU D 5 2.18 18.07 5.00
CA LEU D 5 2.95 17.92 6.22
C LEU D 5 2.26 16.98 7.19
N GLN D 6 0.95 17.08 7.28
CA GLN D 6 0.19 16.12 8.06
C GLN D 6 0.49 14.70 7.58
N LEU D 7 0.51 14.51 6.26
CA LEU D 7 0.83 13.22 5.68
C LEU D 7 2.23 12.81 6.06
N LYS D 8 3.19 13.73 5.98
CA LYS D 8 4.53 13.33 6.27
C LYS D 8 4.69 12.92 7.74
N HIS D 9 4.08 13.67 8.67
CA HIS D 9 4.04 13.28 10.09
C HIS D 9 3.35 11.94 10.32
N TYR D 10 2.14 11.76 9.81
CA TYR D 10 1.51 10.44 9.89
C TYR D 10 2.48 9.35 9.40
N ILE D 11 3.07 9.54 8.22
CA ILE D 11 3.99 8.51 7.70
C ILE D 11 5.26 8.32 8.55
N THR D 12 5.98 9.39 8.89
CA THR D 12 7.28 9.23 9.49
C THR D 12 7.09 8.62 10.88
N ASN D 13 5.97 8.95 11.51
CA ASN D 13 5.58 8.34 12.77
C ASN D 13 5.10 6.89 12.67
N LEU D 14 4.30 6.58 11.65
CA LEU D 14 3.82 5.19 11.46
C LEU D 14 5.00 4.23 11.28
N PHE D 15 5.99 4.64 10.48
CA PHE D 15 7.04 3.75 10.03
C PHE D 15 8.37 4.13 10.70
N ASN D 16 8.27 5.01 11.69
CA ASN D 16 9.41 5.43 12.47
C ASN D 16 10.61 5.88 11.62
N LEU D 17 10.33 6.77 10.67
CA LEU D 17 11.30 7.39 9.77
C LEU D 17 11.80 8.72 10.34
N PRO D 18 12.97 9.19 9.86
CA PRO D 18 13.45 10.48 10.38
C PRO D 18 12.45 11.59 10.01
N LYS D 19 11.88 12.24 11.03
CA LYS D 19 10.90 13.29 10.80
C LYS D 19 11.41 14.52 10.04
N ASP D 20 12.72 14.76 10.10
CA ASP D 20 13.28 15.97 9.48
C ASP D 20 14.01 15.68 8.18
N GLU D 21 13.89 14.46 7.68
CA GLU D 21 14.38 14.14 6.35
C GLU D 21 13.57 14.96 5.31
N LYS D 22 14.28 15.63 4.42
CA LYS D 22 13.63 16.29 3.28
C LYS D 22 12.88 15.29 2.39
N TRP D 23 11.63 15.60 2.09
CA TRP D 23 10.86 14.83 1.10
C TRP D 23 10.80 15.58 -0.23
N GLU D 24 10.92 14.85 -1.33
CA GLU D 24 10.67 15.42 -2.65
C GLU D 24 9.36 14.86 -3.19
N CYS D 25 8.78 15.54 -4.19
CA CYS D 25 7.46 15.22 -4.68
C CYS D 25 7.52 15.07 -6.18
N GLU D 26 7.03 13.93 -6.66
CA GLU D 26 6.79 13.79 -8.07
C GLU D 26 5.32 14.02 -8.35
N SER D 27 5.06 14.97 -9.23
CA SER D 27 3.71 15.41 -9.50
C SER D 27 3.47 15.21 -10.99
N ILE D 28 2.59 14.26 -11.32
CA ILE D 28 2.21 13.97 -12.69
C ILE D 28 0.71 13.63 -12.75
N GLU D 29 0.16 13.61 -13.96
CA GLU D 29 -1.24 13.24 -14.16
C GLU D 29 -1.38 11.77 -14.53
N GLU D 30 -2.49 11.14 -14.17
CA GLU D 30 -2.75 9.76 -14.59
C GLU D 30 -4.23 9.46 -14.41
N ILE D 31 -4.76 8.58 -15.26
CA ILE D 31 -6.14 8.12 -15.12
C ILE D 31 -6.42 7.39 -13.81
N ALA D 32 -7.51 7.77 -13.16
CA ALA D 32 -7.87 7.12 -11.92
C ALA D 32 -7.95 5.57 -12.03
N ASP D 33 -8.36 5.05 -13.19
CA ASP D 33 -8.51 3.60 -13.40
C ASP D 33 -7.17 2.85 -13.32
N ASP D 34 -6.08 3.55 -13.64
CA ASP D 34 -4.78 2.90 -13.64
C ASP D 34 -4.10 2.99 -12.29
N ILE D 35 -4.76 3.64 -11.33
CA ILE D 35 -4.20 3.75 -10.01
C ILE D 35 -5.00 3.17 -8.86
N LEU D 36 -6.30 3.46 -8.83
CA LEU D 36 -7.12 3.09 -7.69
C LEU D 36 -7.62 1.66 -7.85
N PRO D 37 -7.76 0.91 -6.75
CA PRO D 37 -8.53 -0.35 -6.78
C PRO D 37 -9.82 -0.22 -7.58
N ASP D 38 -10.19 -1.29 -8.25
CA ASP D 38 -11.40 -1.39 -9.05
C ASP D 38 -12.68 -1.03 -8.30
N GLN D 39 -12.78 -1.43 -7.04
CA GLN D 39 -13.92 -1.04 -6.23
C GLN D 39 -14.06 0.47 -5.96
N TYR D 40 -13.07 1.26 -6.32
CA TYR D 40 -13.15 2.69 -6.07
C TYR D 40 -13.41 3.48 -7.36
N VAL D 41 -13.70 2.76 -8.44
CA VAL D 41 -13.70 3.40 -9.76
C VAL D 41 -14.92 2.94 -10.52
N ARG D 42 -15.87 3.85 -10.72
CA ARG D 42 -17.10 3.53 -11.43
C ARG D 42 -17.29 4.56 -12.52
N LEU D 43 -18.01 4.17 -13.56
CA LEU D 43 -18.45 5.11 -14.58
C LEU D 43 -19.26 6.26 -13.99
N GLY D 44 -18.85 7.49 -14.29
CA GLY D 44 -19.61 8.65 -13.85
C GLY D 44 -19.14 9.16 -12.51
N ALA D 45 -18.15 8.48 -11.93
CA ALA D 45 -17.50 8.96 -10.72
C ALA D 45 -16.01 9.09 -11.02
N LEU D 46 -15.17 8.23 -10.48
CA LEU D 46 -13.73 8.34 -10.77
C LEU D 46 -13.30 7.84 -12.13
N SER D 47 -14.05 6.91 -12.72
CA SER D 47 -13.71 6.35 -14.00
C SER D 47 -13.45 7.33 -15.13
N ASN D 48 -12.31 7.20 -15.79
CA ASN D 48 -11.88 8.06 -16.89
C ASN D 48 -11.41 9.44 -16.49
N LYS D 49 -11.40 9.71 -15.19
CA LYS D 49 -10.91 11.01 -14.76
C LYS D 49 -9.40 11.03 -14.63
N ILE D 50 -8.82 12.12 -15.11
CA ILE D 50 -7.39 12.34 -14.99
C ILE D 50 -7.08 13.04 -13.68
N LEU D 51 -6.23 12.40 -12.87
CA LEU D 51 -5.98 12.91 -11.53
C LEU D 51 -4.63 13.58 -11.57
N GLN D 52 -4.48 14.64 -10.80
CA GLN D 52 -3.18 15.26 -10.56
C GLN D 52 -2.59 14.64 -9.32
N THR D 53 -1.42 14.08 -9.49
CA THR D 53 -1.03 13.01 -8.64
C THR D 53 0.28 13.48 -8.05
N TYR D 54 0.41 13.35 -6.72
CA TYR D 54 1.60 13.78 -6.00
C TYR D 54 2.15 12.62 -5.20
N THR D 55 3.36 12.21 -5.55
CA THR D 55 4.00 11.08 -4.91
C THR D 55 5.28 11.50 -4.22
N TYR D 56 5.35 11.22 -2.92
CA TYR D 56 6.47 11.71 -2.15
C TYR D 56 7.57 10.67 -2.09
N TYR D 57 8.80 11.16 -2.08
CA TYR D 57 9.90 10.23 -1.96
C TYR D 57 11.07 10.87 -1.22
N SER D 58 11.86 9.98 -0.62
CA SER D 58 13.12 10.33 0.04
C SER D 58 13.98 9.08 0.07
N ASP D 59 15.22 9.22 0.55
CA ASP D 59 16.09 8.08 0.76
C ASP D 59 15.43 7.00 1.61
N THR D 60 14.92 7.39 2.80
CA THR D 60 14.38 6.38 3.71
C THR D 60 13.02 5.83 3.28
N LEU D 61 12.25 6.62 2.50
CA LEU D 61 11.02 6.15 1.89
C LEU D 61 11.37 5.15 0.78
N HIS D 62 12.43 5.44 0.03
CA HIS D 62 12.86 4.50 -0.98
C HIS D 62 13.28 3.20 -0.30
N GLU D 63 14.06 3.30 0.77
CA GLU D 63 14.48 2.11 1.50
C GLU D 63 13.28 1.28 1.98
N SER D 64 12.19 1.97 2.34
CA SER D 64 10.98 1.34 2.83
C SER D 64 10.09 0.74 1.74
N ASN D 65 10.31 1.14 0.50
CA ASN D 65 9.32 0.98 -0.57
C ASN D 65 7.96 1.44 -0.14
N ILE D 66 7.97 2.61 0.47
CA ILE D 66 6.73 3.26 0.86
C ILE D 66 6.48 4.46 -0.01
N TYR D 67 5.29 4.50 -0.58
CA TYR D 67 4.97 5.63 -1.44
C TYR D 67 3.71 6.33 -0.96
N PRO D 68 3.86 7.41 -0.16
CA PRO D 68 2.79 8.31 0.25
C PRO D 68 2.37 9.14 -0.97
N PHE D 69 1.07 9.38 -1.12
CA PHE D 69 0.55 10.09 -2.25
C PHE D 69 -0.68 10.90 -1.85
N ILE D 70 -0.90 11.96 -2.61
CA ILE D 70 -2.12 12.72 -2.55
C ILE D 70 -2.61 12.91 -3.97
N LEU D 71 -3.88 12.62 -4.19
CA LEU D 71 -4.46 12.79 -5.51
C LEU D 71 -5.53 13.87 -5.51
N TYR D 72 -5.61 14.60 -6.62
CA TYR D 72 -6.60 15.63 -6.80
C TYR D 72 -7.28 15.39 -8.14
N TYR D 73 -8.38 16.09 -8.33
CA TYR D 73 -9.02 16.14 -9.61
C TYR D 73 -9.53 17.56 -9.80
N GLN D 74 -8.80 18.32 -10.61
CA GLN D 74 -9.17 19.72 -10.83
C GLN D 74 -9.35 20.44 -9.50
N LYS D 75 -8.43 20.15 -8.59
CA LYS D 75 -8.26 20.90 -7.34
C LYS D 75 -9.18 20.37 -6.26
N GLN D 76 -10.12 19.49 -6.64
CA GLN D 76 -10.79 18.66 -5.64
C GLN D 76 -9.90 17.55 -5.10
N LEU D 77 -9.86 17.41 -3.76
CA LEU D 77 -9.07 16.36 -3.15
C LEU D 77 -9.76 15.03 -3.41
N ILE D 78 -9.01 14.06 -3.94
CA ILE D 78 -9.56 12.76 -4.29
C ILE D 78 -9.08 11.65 -3.37
N ALA D 79 -7.81 11.67 -3.00
CA ALA D 79 -7.29 10.66 -2.09
C ALA D 79 -6.02 11.10 -1.38
N ILE D 80 -5.88 10.62 -0.15
CA ILE D 80 -4.60 10.61 0.54
C ILE D 80 -4.29 9.17 0.94
N GLY D 81 -3.04 8.77 0.78
CA GLY D 81 -2.67 7.43 1.19
C GLY D 81 -1.22 7.09 0.98
N TYR D 82 -0.98 5.79 0.94
CA TYR D 82 0.36 5.29 0.69
C TYR D 82 0.23 3.86 0.19
N ILE D 83 1.03 3.60 -0.83
CA ILE D 83 1.33 2.25 -1.29
C ILE D 83 2.56 1.68 -0.58
N ASP D 84 2.47 0.39 -0.25
CA ASP D 84 3.67 -0.34 0.22
C ASP D 84 4.38 -1.16 -0.85
N GLU D 85 5.36 -1.95 -0.41
CA GLU D 85 6.14 -2.87 -1.25
C GLU D 85 5.30 -3.76 -2.16
N ASN D 86 4.24 -4.32 -1.59
CA ASN D 86 3.51 -5.37 -2.30
C ASN D 86 2.29 -4.77 -2.97
N HIS D 87 2.31 -3.45 -3.06
CA HIS D 87 1.29 -2.67 -3.75
C HIS D 87 -0.04 -2.75 -3.01
N ASP D 88 0.01 -2.97 -1.70
CA ASP D 88 -1.14 -2.71 -0.87
C ASP D 88 -1.30 -1.22 -0.66
N MET D 89 -2.40 -0.69 -1.19
CA MET D 89 -2.72 0.73 -1.09
C MET D 89 -3.46 0.97 0.21
N ASP D 90 -2.95 1.88 1.04
CA ASP D 90 -3.71 2.30 2.21
C ASP D 90 -4.26 3.73 2.07
N PHE D 91 -5.52 3.91 2.42
CA PHE D 91 -6.17 5.20 2.20
C PHE D 91 -6.58 5.80 3.52
N LEU D 92 -6.26 7.09 3.65
CA LEU D 92 -6.78 7.93 4.72
C LEU D 92 -7.88 8.84 4.19
N TYR D 93 -8.09 8.82 2.87
CA TYR D 93 -9.15 9.64 2.34
C TYR D 93 -9.47 9.24 0.92
N LEU D 94 -10.75 9.35 0.57
CA LEU D 94 -11.18 9.00 -0.76
C LEU D 94 -12.54 9.65 -1.01
N HIS D 95 -12.59 10.39 -2.11
CA HIS D 95 -13.82 11.06 -2.56
C HIS D 95 -13.91 10.72 -4.04
N ASN D 96 -15.11 10.38 -4.53
CA ASN D 96 -15.23 9.90 -5.89
C ASN D 96 -15.77 10.98 -6.84
N THR D 97 -15.63 12.25 -6.45
CA THR D 97 -16.19 13.41 -7.15
C THR D 97 -17.70 13.58 -6.98
N ILE D 98 -18.37 12.55 -6.53
CA ILE D 98 -19.77 12.73 -6.15
C ILE D 98 -19.88 13.00 -4.65
N MET D 99 -19.30 12.12 -3.83
CA MET D 99 -19.39 12.26 -2.37
C MET D 99 -18.11 11.74 -1.73
N PRO D 100 -17.91 12.04 -0.44
CA PRO D 100 -16.83 11.39 0.33
C PRO D 100 -17.10 9.89 0.46
N LEU D 101 -16.11 9.07 0.17
CA LEU D 101 -16.26 7.62 0.38
C LEU D 101 -15.61 7.13 1.66
N LEU D 102 -14.52 7.80 2.01
CA LEU D 102 -13.66 7.41 3.10
C LEU D 102 -12.99 8.70 3.57
N ASP D 103 -13.19 9.03 4.84
CA ASP D 103 -12.53 10.17 5.42
C ASP D 103 -12.05 9.79 6.80
N GLN D 104 -10.79 9.38 6.85
CA GLN D 104 -10.13 9.06 8.10
C GLN D 104 -8.96 10.04 8.24
N ARG D 105 -9.13 11.29 7.84
CA ARG D 105 -8.07 12.29 8.06
C ARG D 105 -7.77 12.55 9.54
N TYR D 106 -8.73 12.23 10.40
CA TYR D 106 -8.51 12.38 11.83
C TYR D 106 -7.34 11.50 12.23
N LEU D 107 -7.08 10.43 11.48
CA LEU D 107 -5.90 9.60 11.77
C LEU D 107 -4.57 10.35 11.68
N LEU D 108 -4.45 11.31 10.77
CA LEU D 108 -3.20 12.07 10.67
C LEU D 108 -2.74 12.69 12.00
N THR D 109 -3.66 13.15 12.82
CA THR D 109 -3.43 14.13 13.88
C THR D 109 -2.05 14.75 13.88
#